data_1MSW
#
_entry.id   1MSW
#
_cell.length_a   142.910
_cell.length_b   145.460
_cell.length_c   145.600
_cell.angle_alpha   90.00
_cell.angle_beta   90.00
_cell.angle_gamma   90.00
#
_symmetry.space_group_name_H-M   'C 2 2 21'
#
loop_
_entity.id
_entity.type
_entity.pdbx_description
1 polymer 'Template DNA'
2 polymer 'Non-Template DNA'
3 polymer 'RNA message'
4 polymer 'DNA-directed RNA polymerase'
5 water water
#
loop_
_entity_poly.entity_id
_entity_poly.type
_entity_poly.pdbx_seq_one_letter_code
_entity_poly.pdbx_strand_id
1 'polydeoxyribonucleotide' (DG)(DC)(DC)(DG)(DT)(DG)(DC)(DG)(DC)(DA)(DT)(DT)(DC)(DG)(DC)(DC)(DG)(DT)(DG)(DT) T
2 'polydeoxyribonucleotide' (DT)(DT)(DT)(DA)(DC)(DG)(DT)(DT)(DG)(DC)(DG)(DC)(DA)(DC)(DG)(DG)(DC) N
3 'polyribonucleotide' GACACGGCGA R
4 'polypeptide(L)'
;MNTINIAKNDFSDIELAAIPFNTLADHYGERLAREQLALEHESYEMGEARFRKMFERQLKAGEVADNAAAKPLITTLLPK
MIARINDWFEEVKAKRGKRPTAFQFLQEIKPEAVAYITIKTTLACLTSADNTTVQAVASAIGRAIEDEARFGRIRDLEAK
HFKKNVEEQLNKRVGHVYKKAFMQVVEADMLSKGLLGGEAWSSWHKEDSIHVGVRCIEMLIESTGMVSLHRQNAGVVGQD
SETIELAPEYAEAIATRAGALAGISPMFQPCVVPPKPWTGITGGGYWANGRRPLALVRTHSKKALMRYEDVYMPEVYKAI
NIAQNTAWKINKKVLAVANVITKWKHCPVEDIPAIEREELPMKPEDIDMNPEALTAWKRAAAAVYRKDKARKSRRISLEF
MLEQANKFANHKAIWFPYNMDWRGRVYAVSMFNPQGNDMTKGLLTLAKGKPIGKEGYYWLKIHGANCAGVDKVPFPERIK
FIEENHENIMACAKSPLENTWWAEQDSPFCFLAFCFEYAGVQHHGLSYNCSLPLAFDGSCSGIQHFSAMLRDEVGGRAVN
LLPSETVQDIYGIVAKKVNEILQADAINGTDNEVVTVTDENTGEISEKVKLGTKALAGQWLAYGVTRSVTKRSVMTLAYG
SKEFGFRQQVLEDTIQPAIDSGKGLMFTQPNQAAGYMAKLIWESVSVTVVAAVEAMNWLKSAAKLLAAEVKDKKTGEILR
KRCAVHWVTPDGFPVWQEYKKPIQTRLNLMFLGQFRLQPTINTNKDSEIDAHKQESGIAPNFVHSQDGSHLRKTVVWAHE
KYGIESFALIHDSFGTIPADAANLFKAVRETMVDTYESCDVLADFYDQFADQLHESQLDKMPALPAKGNLNLRDILESDF
AFA
;
D
#
loop_
_chem_comp.id
_chem_comp.type
_chem_comp.name
_chem_comp.formula
A RNA linking ADENOSINE-5'-MONOPHOSPHATE 'C10 H14 N5 O7 P'
C RNA linking CYTIDINE-5'-MONOPHOSPHATE 'C9 H14 N3 O8 P'
DA DNA linking 2'-DEOXYADENOSINE-5'-MONOPHOSPHATE 'C10 H14 N5 O6 P'
DC DNA linking 2'-DEOXYCYTIDINE-5'-MONOPHOSPHATE 'C9 H14 N3 O7 P'
DG DNA linking 2'-DEOXYGUANOSINE-5'-MONOPHOSPHATE 'C10 H14 N5 O7 P'
DT DNA linking THYMIDINE-5'-MONOPHOSPHATE 'C10 H15 N2 O8 P'
G RNA linking GUANOSINE-5'-MONOPHOSPHATE 'C10 H14 N5 O8 P'
#
# COMPACT_ATOMS: atom_id res chain seq x y z
N ASN D 2 -17.98 -1.10 33.02
CA ASN D 2 -17.97 0.39 33.18
C ASN D 2 -17.77 1.10 31.85
N THR D 3 -17.46 2.40 31.92
CA THR D 3 -17.24 3.19 30.71
C THR D 3 -15.90 3.92 30.77
N ILE D 4 -15.26 4.08 29.62
CA ILE D 4 -13.98 4.78 29.58
C ILE D 4 -14.16 6.27 29.26
N ASN D 5 -13.72 7.10 30.20
CA ASN D 5 -13.82 8.54 30.10
C ASN D 5 -12.54 9.16 29.56
N ILE D 6 -12.57 9.55 28.30
CA ILE D 6 -11.40 10.18 27.70
C ILE D 6 -11.49 11.69 27.84
N ALA D 7 -10.35 12.35 27.89
CA ALA D 7 -10.31 13.80 28.04
C ALA D 7 -9.46 14.42 26.93
N LYS D 8 -9.81 15.64 26.51
CA LYS D 8 -9.07 16.33 25.45
C LYS D 8 -7.68 16.76 25.92
N ASN D 9 -6.79 16.98 24.96
CA ASN D 9 -5.42 17.38 25.26
C ASN D 9 -5.25 18.88 25.16
N ASP D 10 -4.14 19.36 25.70
CA ASP D 10 -3.81 20.76 25.66
C ASP D 10 -2.88 20.94 24.47
N PHE D 11 -3.44 21.31 23.33
CA PHE D 11 -2.65 21.51 22.13
C PHE D 11 -2.20 22.96 22.05
N SER D 12 -2.74 23.78 22.95
CA SER D 12 -2.39 25.19 23.01
C SER D 12 -0.89 25.34 23.21
N ASP D 13 -0.27 24.33 23.81
CA ASP D 13 1.17 24.33 24.07
C ASP D 13 1.93 24.53 22.77
N ILE D 14 1.45 23.88 21.71
CA ILE D 14 2.05 23.94 20.39
C ILE D 14 2.14 25.37 19.84
N GLU D 15 1.41 26.30 20.46
CA GLU D 15 1.43 27.70 20.02
C GLU D 15 2.79 28.32 20.35
N LEU D 16 3.79 27.96 19.54
CA LEU D 16 5.20 28.39 19.63
C LEU D 16 5.50 29.69 20.39
N ALA D 17 6.68 29.71 21.00
CA ALA D 17 7.16 30.85 21.78
C ALA D 17 7.28 32.10 20.92
N ALA D 18 7.46 33.25 21.59
CA ALA D 18 7.58 34.54 20.92
C ALA D 18 8.89 34.74 20.12
N ILE D 19 10.00 34.24 20.64
CA ILE D 19 11.27 34.37 19.93
C ILE D 19 11.22 33.56 18.63
N PRO D 20 10.70 32.31 18.68
CA PRO D 20 10.60 31.47 17.48
C PRO D 20 9.47 31.97 16.57
N PHE D 21 8.55 32.73 17.18
CA PHE D 21 7.41 33.28 16.45
C PHE D 21 7.86 34.46 15.60
N ASN D 22 8.84 35.21 16.10
CA ASN D 22 9.37 36.36 15.37
C ASN D 22 10.18 35.85 14.18
N THR D 23 10.40 34.54 14.17
CA THR D 23 11.12 33.88 13.08
C THR D 23 10.19 33.93 11.87
N LEU D 24 8.90 33.72 12.15
CA LEU D 24 7.85 33.74 11.13
C LEU D 24 7.43 35.17 10.86
N ALA D 25 7.08 35.88 11.92
CA ALA D 25 6.70 37.28 11.76
C ALA D 25 7.94 37.96 11.21
N ASP D 26 7.77 39.10 10.55
CA ASP D 26 8.87 39.84 9.93
C ASP D 26 9.27 39.12 8.64
N HIS D 27 9.23 37.79 8.71
CA HIS D 27 9.53 36.93 7.57
C HIS D 27 8.29 36.87 6.68
N TYR D 28 7.15 36.54 7.30
CA TYR D 28 5.87 36.41 6.57
C TYR D 28 4.75 37.28 7.14
N GLY D 29 4.95 37.80 8.34
CA GLY D 29 3.95 38.66 8.93
C GLY D 29 2.84 38.02 9.75
N GLU D 30 2.73 38.50 10.99
CA GLU D 30 1.75 38.06 11.96
C GLU D 30 0.48 37.43 11.39
N ARG D 31 -0.22 38.12 10.49
CA ARG D 31 -1.45 37.55 9.94
C ARG D 31 -1.27 36.09 9.58
N LEU D 32 -0.35 35.84 8.66
CA LEU D 32 -0.08 34.49 8.23
C LEU D 32 0.62 33.69 9.31
N ALA D 33 1.76 34.18 9.77
CA ALA D 33 2.50 33.50 10.82
C ALA D 33 1.54 32.93 11.87
N ARG D 34 0.51 33.71 12.21
CA ARG D 34 -0.45 33.29 13.21
C ARG D 34 -1.39 32.26 12.62
N GLU D 35 -1.82 32.52 11.40
CA GLU D 35 -2.72 31.62 10.70
C GLU D 35 -2.11 30.24 10.57
N GLN D 36 -0.84 30.17 10.19
CA GLN D 36 -0.16 28.90 10.05
C GLN D 36 -0.25 28.13 11.34
N LEU D 37 0.22 28.73 12.43
CA LEU D 37 0.17 28.07 13.72
C LEU D 37 -1.25 27.70 14.11
N ALA D 38 -2.23 28.42 13.58
CA ALA D 38 -3.62 28.09 13.89
C ALA D 38 -3.92 26.80 13.15
N LEU D 39 -3.35 26.72 11.95
CA LEU D 39 -3.54 25.58 11.08
C LEU D 39 -2.90 24.33 11.66
N GLU D 40 -1.69 24.45 12.16
CA GLU D 40 -1.02 23.31 12.72
C GLU D 40 -1.75 22.83 13.96
N HIS D 41 -2.27 23.77 14.74
CA HIS D 41 -3.02 23.42 15.94
C HIS D 41 -4.31 22.68 15.59
N GLU D 42 -4.95 23.08 14.51
CA GLU D 42 -6.17 22.46 14.03
C GLU D 42 -5.89 21.02 13.65
N SER D 43 -4.80 20.82 12.91
CA SER D 43 -4.39 19.50 12.48
C SER D 43 -4.46 18.54 13.64
N TYR D 44 -3.89 18.94 14.78
CA TYR D 44 -3.91 18.09 15.95
C TYR D 44 -5.30 17.89 16.54
N GLU D 45 -6.14 18.90 16.43
CA GLU D 45 -7.47 18.77 16.97
C GLU D 45 -8.28 17.86 16.09
N MET D 46 -8.08 17.96 14.80
CA MET D 46 -8.83 17.10 13.88
C MET D 46 -8.44 15.66 14.12
N GLY D 47 -7.15 15.43 14.38
CA GLY D 47 -6.65 14.10 14.63
C GLY D 47 -7.29 13.50 15.87
N GLU D 48 -7.31 14.29 16.94
CA GLU D 48 -7.91 13.84 18.19
C GLU D 48 -9.37 13.51 17.94
N ALA D 49 -10.03 14.36 17.15
CA ALA D 49 -11.43 14.18 16.82
C ALA D 49 -11.70 12.82 16.21
N ARG D 50 -10.85 12.40 15.28
CA ARG D 50 -11.10 11.12 14.66
C ARG D 50 -10.70 9.93 15.52
N PHE D 51 -9.73 10.13 16.42
CA PHE D 51 -9.36 9.02 17.27
C PHE D 51 -10.53 8.73 18.19
N ARG D 52 -11.00 9.77 18.88
CA ARG D 52 -12.13 9.66 19.81
C ARG D 52 -13.33 9.03 19.12
N LYS D 53 -13.60 9.46 17.90
CA LYS D 53 -14.72 8.93 17.14
C LYS D 53 -14.52 7.42 16.94
N MET D 54 -13.42 7.06 16.31
CA MET D 54 -13.10 5.67 16.06
C MET D 54 -13.24 4.87 17.34
N PHE D 55 -12.67 5.40 18.41
CA PHE D 55 -12.72 4.76 19.70
C PHE D 55 -14.16 4.47 20.11
N GLU D 56 -14.98 5.51 20.19
CA GLU D 56 -16.37 5.36 20.59
C GLU D 56 -17.08 4.34 19.71
N ARG D 57 -16.65 4.23 18.48
CA ARG D 57 -17.25 3.27 17.55
C ARG D 57 -16.91 1.86 18.05
N GLN D 58 -15.62 1.60 18.21
CA GLN D 58 -15.15 0.31 18.66
C GLN D 58 -15.75 -0.10 19.99
N LEU D 59 -15.95 0.87 20.86
CA LEU D 59 -16.51 0.62 22.18
C LEU D 59 -17.94 0.08 22.05
N LYS D 60 -18.72 0.71 21.17
CA LYS D 60 -20.10 0.30 20.95
C LYS D 60 -20.09 -0.83 19.91
N ALA D 61 -19.40 -1.90 20.24
CA ALA D 61 -19.29 -3.06 19.37
C ALA D 61 -18.47 -4.10 20.13
N GLY D 62 -18.14 -3.76 21.38
CA GLY D 62 -17.36 -4.65 22.22
C GLY D 62 -16.04 -5.02 21.56
N GLU D 63 -15.31 -4.01 21.09
CA GLU D 63 -14.04 -4.23 20.42
C GLU D 63 -12.94 -3.43 21.08
N VAL D 64 -13.19 -3.02 22.32
CA VAL D 64 -12.24 -2.24 23.12
C VAL D 64 -10.86 -2.90 23.15
N ALA D 65 -10.87 -4.22 23.28
CA ALA D 65 -9.64 -5.02 23.34
C ALA D 65 -8.83 -4.88 22.05
N ASP D 66 -9.52 -4.55 20.97
CA ASP D 66 -8.89 -4.38 19.66
C ASP D 66 -8.18 -3.05 19.52
N ASN D 67 -8.57 -2.06 20.32
CA ASN D 67 -7.95 -0.75 20.24
C ASN D 67 -6.55 -0.73 20.84
N ALA D 68 -5.65 0.02 20.20
CA ALA D 68 -4.26 0.13 20.64
C ALA D 68 -4.11 0.70 22.04
N ALA D 69 -5.22 1.10 22.64
CA ALA D 69 -5.19 1.66 23.98
C ALA D 69 -5.32 0.53 25.02
N ALA D 70 -5.97 -0.56 24.61
CA ALA D 70 -6.19 -1.73 25.46
C ALA D 70 -4.95 -2.64 25.50
N LYS D 71 -4.29 -2.74 24.36
CA LYS D 71 -3.11 -3.57 24.18
C LYS D 71 -2.07 -3.58 25.29
N PRO D 72 -1.50 -2.41 25.63
CA PRO D 72 -0.49 -2.37 26.70
C PRO D 72 -0.96 -3.11 27.97
N LEU D 73 -2.23 -2.94 28.31
CA LEU D 73 -2.77 -3.59 29.49
C LEU D 73 -3.16 -5.05 29.22
N ILE D 74 -3.73 -5.32 28.05
CA ILE D 74 -4.13 -6.68 27.69
C ILE D 74 -2.90 -7.58 27.72
N THR D 75 -1.75 -7.02 27.38
CA THR D 75 -0.53 -7.81 27.33
C THR D 75 0.10 -8.04 28.70
N THR D 76 -0.36 -7.32 29.71
CA THR D 76 0.20 -7.52 31.04
C THR D 76 -0.63 -8.59 31.75
N LEU D 77 -1.93 -8.59 31.48
CA LEU D 77 -2.86 -9.52 32.09
C LEU D 77 -2.81 -10.94 31.52
N LEU D 78 -2.86 -11.04 30.20
CA LEU D 78 -2.86 -12.33 29.53
C LEU D 78 -1.92 -13.37 30.17
N PRO D 79 -0.68 -12.97 30.48
CA PRO D 79 0.25 -13.93 31.09
C PRO D 79 -0.21 -14.38 32.48
N LYS D 80 -0.62 -13.41 33.29
CA LYS D 80 -1.06 -13.67 34.65
C LYS D 80 -2.26 -14.62 34.65
N MET D 81 -3.07 -14.52 33.59
CA MET D 81 -4.24 -15.36 33.42
C MET D 81 -3.86 -16.78 32.99
N ILE D 82 -3.07 -16.87 31.92
CA ILE D 82 -2.65 -18.18 31.43
C ILE D 82 -1.98 -18.98 32.55
N ALA D 83 -1.22 -18.29 33.40
CA ALA D 83 -0.54 -18.92 34.53
C ALA D 83 -1.54 -19.50 35.53
N ARG D 84 -2.52 -18.70 35.91
CA ARG D 84 -3.56 -19.11 36.86
C ARG D 84 -4.32 -20.31 36.29
N ILE D 85 -4.59 -20.28 34.99
CA ILE D 85 -5.32 -21.36 34.35
C ILE D 85 -4.51 -22.65 34.46
N ASN D 86 -3.23 -22.54 34.20
CA ASN D 86 -2.36 -23.70 34.26
C ASN D 86 -2.23 -24.20 35.68
N ASP D 87 -1.96 -23.31 36.62
CA ASP D 87 -1.84 -23.71 38.01
C ASP D 87 -3.10 -24.46 38.38
N TRP D 88 -4.25 -23.85 38.09
CA TRP D 88 -5.52 -24.46 38.40
C TRP D 88 -5.66 -25.88 37.87
N PHE D 89 -5.35 -26.06 36.59
CA PHE D 89 -5.43 -27.38 36.00
C PHE D 89 -4.63 -28.39 36.78
N GLU D 90 -3.67 -27.90 37.57
CA GLU D 90 -2.84 -28.78 38.37
C GLU D 90 -3.49 -29.17 39.68
N GLU D 91 -4.04 -28.18 40.38
CA GLU D 91 -4.70 -28.46 41.65
C GLU D 91 -5.82 -29.45 41.36
N VAL D 92 -6.65 -29.12 40.38
CA VAL D 92 -7.77 -29.99 40.02
C VAL D 92 -7.33 -31.42 39.73
N LYS D 93 -6.10 -31.60 39.24
CA LYS D 93 -5.59 -32.94 38.96
C LYS D 93 -5.12 -33.65 40.21
N ALA D 94 -4.28 -32.99 41.00
CA ALA D 94 -3.75 -33.57 42.23
C ALA D 94 -4.83 -33.78 43.31
N LYS D 95 -6.05 -33.30 43.07
CA LYS D 95 -7.12 -33.47 44.04
C LYS D 95 -8.02 -34.66 43.75
N ARG D 96 -8.11 -35.56 44.72
CA ARG D 96 -8.91 -36.77 44.60
C ARG D 96 -10.42 -36.47 44.45
N GLY D 97 -11.14 -37.43 43.87
CA GLY D 97 -12.57 -37.28 43.70
C GLY D 97 -13.04 -36.78 42.35
N LYS D 98 -14.26 -36.26 42.33
CA LYS D 98 -14.86 -35.74 41.11
C LYS D 98 -14.30 -34.35 40.79
N ARG D 99 -13.86 -34.19 39.55
CA ARG D 99 -13.30 -32.91 39.10
C ARG D 99 -14.41 -31.92 38.75
N PRO D 100 -14.17 -30.61 39.02
CA PRO D 100 -15.14 -29.54 38.74
C PRO D 100 -15.77 -29.72 37.37
N THR D 101 -17.04 -29.38 37.26
CA THR D 101 -17.76 -29.53 36.00
C THR D 101 -17.14 -28.73 34.84
N ALA D 102 -16.35 -27.71 35.18
CA ALA D 102 -15.71 -26.85 34.18
C ALA D 102 -14.42 -27.42 33.56
N PHE D 103 -13.54 -27.97 34.40
CA PHE D 103 -12.27 -28.55 33.97
C PHE D 103 -12.34 -29.25 32.61
N GLN D 104 -13.25 -30.22 32.50
CA GLN D 104 -13.42 -30.99 31.29
C GLN D 104 -13.56 -30.20 29.98
N PHE D 105 -14.30 -29.09 30.02
CA PHE D 105 -14.53 -28.26 28.85
C PHE D 105 -13.35 -27.37 28.49
N LEU D 106 -12.72 -26.81 29.51
CA LEU D 106 -11.56 -25.93 29.32
C LEU D 106 -10.32 -26.68 28.81
N GLN D 107 -10.47 -27.98 28.59
CA GLN D 107 -9.38 -28.84 28.11
C GLN D 107 -9.29 -28.87 26.58
N GLU D 108 -10.39 -28.55 25.91
CA GLU D 108 -10.44 -28.55 24.45
C GLU D 108 -9.41 -27.58 23.87
N ILE D 109 -9.66 -26.29 24.08
CA ILE D 109 -8.79 -25.22 23.60
C ILE D 109 -7.56 -25.01 24.48
N LYS D 110 -6.55 -24.34 23.92
CA LYS D 110 -5.31 -24.06 24.62
C LYS D 110 -5.54 -23.03 25.71
N PRO D 111 -4.79 -23.11 26.82
CA PRO D 111 -4.94 -22.15 27.91
C PRO D 111 -4.86 -20.69 27.47
N GLU D 112 -3.82 -20.33 26.70
CA GLU D 112 -3.69 -18.94 26.24
C GLU D 112 -4.92 -18.46 25.47
N ALA D 113 -5.56 -19.36 24.74
CA ALA D 113 -6.77 -19.02 23.99
C ALA D 113 -7.88 -18.65 24.96
N VAL D 114 -8.07 -19.49 25.97
CA VAL D 114 -9.09 -19.27 27.00
C VAL D 114 -8.89 -17.91 27.68
N ALA D 115 -7.65 -17.62 28.03
CA ALA D 115 -7.29 -16.36 28.71
C ALA D 115 -7.63 -15.14 27.86
N TYR D 116 -7.27 -15.18 26.58
CA TYR D 116 -7.58 -14.05 25.72
C TYR D 116 -9.10 -13.89 25.53
N ILE D 117 -9.79 -14.99 25.24
CA ILE D 117 -11.23 -14.95 25.05
C ILE D 117 -11.93 -14.46 26.30
N THR D 118 -11.33 -14.72 27.45
CA THR D 118 -11.91 -14.25 28.71
C THR D 118 -11.66 -12.75 28.84
N ILE D 119 -10.39 -12.34 28.71
CA ILE D 119 -10.05 -10.93 28.81
C ILE D 119 -10.90 -10.12 27.83
N LYS D 120 -10.92 -10.55 26.58
CA LYS D 120 -11.65 -9.85 25.52
C LYS D 120 -13.17 -9.83 25.69
N THR D 121 -13.78 -11.01 25.74
CA THR D 121 -15.23 -11.09 25.88
C THR D 121 -15.75 -10.32 27.07
N THR D 122 -15.18 -10.51 28.24
CA THR D 122 -15.71 -9.77 29.37
C THR D 122 -15.36 -8.30 29.22
N LEU D 123 -14.21 -8.03 28.63
CA LEU D 123 -13.77 -6.65 28.44
C LEU D 123 -14.81 -5.88 27.64
N ALA D 124 -15.54 -6.58 26.79
CA ALA D 124 -16.58 -5.97 25.98
C ALA D 124 -17.83 -5.76 26.84
N CYS D 125 -18.48 -6.86 27.21
CA CYS D 125 -19.70 -6.82 28.03
C CYS D 125 -19.76 -5.63 29.00
N LEU D 126 -18.66 -5.36 29.69
CA LEU D 126 -18.62 -4.26 30.64
C LEU D 126 -18.71 -2.86 30.02
N THR D 127 -17.90 -2.62 29.00
CA THR D 127 -17.89 -1.32 28.34
C THR D 127 -19.07 -1.08 27.39
N SER D 128 -19.76 -2.13 26.99
CA SER D 128 -20.92 -2.00 26.10
C SER D 128 -22.18 -1.64 26.90
N ALA D 129 -22.92 -2.66 27.35
CA ALA D 129 -24.14 -2.44 28.11
C ALA D 129 -23.87 -2.41 29.62
N ASP D 130 -24.94 -2.54 30.40
CA ASP D 130 -24.85 -2.56 31.86
C ASP D 130 -25.35 -3.92 32.37
N ASN D 131 -25.60 -4.83 31.45
CA ASN D 131 -26.04 -6.16 31.82
C ASN D 131 -24.78 -6.88 32.28
N THR D 132 -23.97 -6.14 33.05
CA THR D 132 -22.71 -6.65 33.57
C THR D 132 -22.98 -7.61 34.72
N THR D 133 -24.00 -8.43 34.56
CA THR D 133 -24.35 -9.42 35.57
C THR D 133 -23.49 -10.66 35.31
N VAL D 134 -22.79 -11.12 36.35
CA VAL D 134 -21.91 -12.28 36.24
C VAL D 134 -22.57 -13.50 35.59
N GLN D 135 -23.90 -13.50 35.47
CA GLN D 135 -24.63 -14.61 34.87
C GLN D 135 -24.71 -14.43 33.36
N ALA D 136 -24.77 -13.18 32.92
CA ALA D 136 -24.85 -12.82 31.50
C ALA D 136 -23.46 -12.80 30.88
N VAL D 137 -22.49 -12.30 31.65
CA VAL D 137 -21.11 -12.24 31.19
C VAL D 137 -20.60 -13.67 31.04
N ALA D 138 -20.85 -14.48 32.07
CA ALA D 138 -20.41 -15.87 32.10
C ALA D 138 -20.93 -16.64 30.90
N SER D 139 -22.15 -16.33 30.47
CA SER D 139 -22.72 -17.01 29.33
C SER D 139 -22.00 -16.56 28.06
N ALA D 140 -21.61 -15.29 28.04
CA ALA D 140 -20.90 -14.69 26.92
C ALA D 140 -19.57 -15.42 26.77
N ILE D 141 -18.83 -15.53 27.88
CA ILE D 141 -17.55 -16.21 27.86
C ILE D 141 -17.74 -17.66 27.42
N GLY D 142 -18.60 -18.38 28.14
CA GLY D 142 -18.87 -19.77 27.84
C GLY D 142 -19.25 -20.06 26.39
N ARG D 143 -20.01 -19.14 25.78
CA ARG D 143 -20.42 -19.29 24.39
C ARG D 143 -19.24 -19.10 23.44
N ALA D 144 -18.42 -18.08 23.70
CA ALA D 144 -17.26 -17.80 22.86
C ALA D 144 -16.23 -18.92 22.94
N ILE D 145 -16.01 -19.45 24.15
CA ILE D 145 -15.07 -20.54 24.36
C ILE D 145 -15.52 -21.78 23.61
N GLU D 146 -16.83 -21.99 23.54
CA GLU D 146 -17.33 -23.15 22.81
C GLU D 146 -17.02 -23.03 21.31
N ASP D 147 -17.49 -21.96 20.70
CA ASP D 147 -17.27 -21.73 19.26
C ASP D 147 -15.81 -21.81 18.86
N GLU D 148 -14.91 -21.35 19.71
CA GLU D 148 -13.50 -21.43 19.37
C GLU D 148 -13.09 -22.91 19.37
N ALA D 149 -13.53 -23.64 20.38
CA ALA D 149 -13.20 -25.05 20.50
C ALA D 149 -13.76 -25.88 19.34
N ARG D 150 -15.05 -25.68 19.07
CA ARG D 150 -15.76 -26.41 18.00
C ARG D 150 -15.20 -26.17 16.61
N PHE D 151 -15.15 -24.91 16.20
CA PHE D 151 -14.67 -24.56 14.88
C PHE D 151 -13.15 -24.36 14.83
N GLY D 152 -12.49 -24.60 15.96
CA GLY D 152 -11.05 -24.46 15.99
C GLY D 152 -10.36 -25.73 15.53
N ARG D 153 -10.93 -26.89 15.88
CA ARG D 153 -10.36 -28.18 15.50
C ARG D 153 -10.30 -28.36 13.99
N ILE D 154 -11.31 -27.87 13.29
CA ILE D 154 -11.33 -27.99 11.84
C ILE D 154 -10.24 -27.10 11.24
N ARG D 155 -9.32 -26.67 12.10
CA ARG D 155 -8.21 -25.82 11.70
C ARG D 155 -6.90 -26.38 12.26
N ASP D 156 -6.88 -26.62 13.57
CA ASP D 156 -5.70 -27.16 14.23
C ASP D 156 -5.66 -28.68 14.07
N LEU D 157 -6.80 -29.33 14.30
CA LEU D 157 -6.91 -30.77 14.15
C LEU D 157 -6.78 -31.09 12.67
N GLU D 158 -6.67 -32.37 12.33
CA GLU D 158 -6.56 -32.81 10.95
C GLU D 158 -7.33 -31.88 10.02
N ALA D 159 -6.66 -30.81 9.58
CA ALA D 159 -7.29 -29.83 8.71
C ALA D 159 -6.33 -28.82 8.12
N LYS D 160 -5.76 -29.18 6.97
CA LYS D 160 -4.87 -28.30 6.24
C LYS D 160 -5.77 -27.84 5.12
N HIS D 161 -6.82 -28.63 4.92
CA HIS D 161 -7.84 -28.38 3.92
C HIS D 161 -8.34 -26.98 4.26
N PHE D 162 -8.11 -26.57 5.50
CA PHE D 162 -8.48 -25.25 5.99
C PHE D 162 -7.64 -24.17 5.33
N LYS D 163 -6.32 -24.30 5.43
CA LYS D 163 -5.41 -23.33 4.84
C LYS D 163 -5.48 -23.39 3.32
N LYS D 164 -6.48 -24.09 2.80
CA LYS D 164 -6.64 -24.23 1.36
C LYS D 164 -8.06 -23.88 0.89
N ASN D 165 -9.03 -24.69 1.31
CA ASN D 165 -10.42 -24.46 0.92
C ASN D 165 -11.27 -23.71 1.93
N VAL D 166 -10.68 -23.28 3.05
CA VAL D 166 -11.49 -22.60 4.05
C VAL D 166 -10.83 -21.41 4.75
N GLU D 167 -9.55 -21.17 4.50
CA GLU D 167 -8.86 -20.07 5.17
C GLU D 167 -9.07 -18.71 4.52
N GLU D 168 -8.85 -18.64 3.21
CA GLU D 168 -8.97 -17.42 2.44
C GLU D 168 -10.44 -16.98 2.34
N GLN D 169 -11.34 -17.95 2.27
CA GLN D 169 -12.77 -17.68 2.16
C GLN D 169 -13.33 -17.15 3.47
N LEU D 170 -12.54 -17.27 4.54
CA LEU D 170 -12.92 -16.79 5.86
C LEU D 170 -12.65 -15.29 5.95
N ASN D 171 -11.48 -14.89 5.46
CA ASN D 171 -11.06 -13.50 5.47
C ASN D 171 -12.04 -12.63 4.67
N LYS D 172 -12.80 -13.26 3.78
CA LYS D 172 -13.78 -12.53 2.99
C LYS D 172 -14.96 -12.11 3.85
N ARG D 173 -15.59 -13.07 4.53
CA ARG D 173 -16.74 -12.80 5.40
C ARG D 173 -16.23 -11.91 6.53
N VAL D 174 -17.02 -10.91 6.91
CA VAL D 174 -16.61 -10.00 7.96
C VAL D 174 -17.66 -9.88 9.07
N GLY D 175 -17.19 -9.91 10.32
CA GLY D 175 -18.10 -9.82 11.45
C GLY D 175 -18.32 -11.14 12.16
N HIS D 176 -18.05 -11.14 13.46
CA HIS D 176 -18.20 -12.33 14.30
C HIS D 176 -19.40 -13.19 13.89
N VAL D 177 -20.47 -12.52 13.45
CA VAL D 177 -21.71 -13.20 13.05
C VAL D 177 -21.61 -13.96 11.72
N TYR D 178 -21.13 -13.29 10.69
CA TYR D 178 -20.99 -13.88 9.36
C TYR D 178 -20.04 -15.05 9.32
N LYS D 179 -18.86 -14.88 9.90
CA LYS D 179 -17.86 -15.95 9.93
C LYS D 179 -18.40 -17.23 10.57
N LYS D 180 -19.29 -17.09 11.55
CA LYS D 180 -19.88 -18.23 12.24
C LYS D 180 -20.90 -18.94 11.35
N ALA D 181 -21.78 -18.15 10.73
CA ALA D 181 -22.80 -18.68 9.84
C ALA D 181 -22.14 -19.35 8.64
N PHE D 182 -20.87 -19.04 8.42
CA PHE D 182 -20.07 -19.59 7.31
C PHE D 182 -19.29 -20.84 7.73
N MET D 183 -18.93 -20.92 9.01
CA MET D 183 -18.21 -22.09 9.48
C MET D 183 -19.21 -23.19 9.77
N GLN D 184 -20.42 -22.80 10.14
CA GLN D 184 -21.47 -23.77 10.39
C GLN D 184 -21.68 -24.47 9.04
N VAL D 185 -21.47 -23.70 7.98
CA VAL D 185 -21.60 -24.19 6.60
C VAL D 185 -20.47 -25.15 6.23
N VAL D 186 -19.24 -24.67 6.31
CA VAL D 186 -18.07 -25.49 6.01
C VAL D 186 -18.18 -26.80 6.76
N GLU D 187 -18.45 -26.68 8.06
CA GLU D 187 -18.60 -27.81 8.96
C GLU D 187 -19.49 -28.91 8.36
N ALA D 188 -20.69 -28.52 7.96
CA ALA D 188 -21.66 -29.46 7.37
C ALA D 188 -21.15 -30.23 6.15
N ASP D 189 -20.31 -29.60 5.35
CA ASP D 189 -19.79 -30.23 4.14
C ASP D 189 -18.47 -30.95 4.35
N MET D 190 -17.88 -30.76 5.54
CA MET D 190 -16.64 -31.42 5.88
C MET D 190 -17.01 -32.84 6.32
N LEU D 191 -18.32 -33.12 6.28
CA LEU D 191 -18.88 -34.41 6.67
C LEU D 191 -19.03 -35.31 5.45
N SER D 192 -19.41 -34.71 4.33
CA SER D 192 -19.56 -35.42 3.06
C SER D 192 -18.24 -36.12 2.76
N LYS D 193 -17.17 -35.55 3.28
CA LYS D 193 -15.83 -36.09 3.11
C LYS D 193 -15.40 -36.66 4.46
N GLY D 194 -15.83 -36.01 5.53
CA GLY D 194 -15.50 -36.44 6.88
C GLY D 194 -14.04 -36.21 7.23
N LEU D 195 -13.64 -34.95 7.34
CA LEU D 195 -12.24 -34.63 7.67
C LEU D 195 -11.85 -35.09 9.08
N LEU D 196 -12.49 -34.51 10.10
CA LEU D 196 -12.18 -34.87 11.48
C LEU D 196 -12.74 -36.26 11.80
N GLY D 197 -12.79 -37.11 10.78
CA GLY D 197 -13.30 -38.46 10.95
C GLY D 197 -14.81 -38.49 10.80
N GLY D 198 -15.52 -38.13 11.85
CA GLY D 198 -16.97 -38.13 11.82
C GLY D 198 -17.58 -37.82 13.17
N GLU D 199 -16.79 -37.20 14.05
CA GLU D 199 -17.25 -36.84 15.39
C GLU D 199 -18.02 -35.51 15.39
N ALA D 200 -19.32 -35.58 15.10
CA ALA D 200 -20.18 -34.40 15.06
C ALA D 200 -20.20 -33.73 16.43
N TRP D 201 -19.80 -32.46 16.47
CA TRP D 201 -19.75 -31.70 17.71
C TRP D 201 -21.01 -31.83 18.56
N SER D 202 -20.85 -32.45 19.73
CA SER D 202 -21.96 -32.64 20.66
C SER D 202 -22.18 -31.30 21.37
N SER D 203 -23.34 -30.68 21.16
CA SER D 203 -23.66 -29.40 21.77
C SER D 203 -23.19 -29.34 23.23
N TRP D 204 -23.12 -28.15 23.79
CA TRP D 204 -22.65 -28.01 25.17
C TRP D 204 -23.70 -27.94 26.27
N HIS D 205 -24.86 -27.36 25.99
CA HIS D 205 -25.95 -27.25 26.98
C HIS D 205 -25.73 -26.06 27.91
N LYS D 206 -26.49 -24.99 27.66
CA LYS D 206 -26.41 -23.74 28.41
C LYS D 206 -26.03 -23.80 29.90
N GLU D 207 -26.34 -24.90 30.58
CA GLU D 207 -26.02 -25.02 32.01
C GLU D 207 -24.52 -24.93 32.25
N ASP D 208 -23.79 -25.86 31.64
CA ASP D 208 -22.34 -25.92 31.77
C ASP D 208 -21.70 -24.67 31.17
N SER D 209 -22.26 -24.21 30.05
CA SER D 209 -21.77 -23.04 29.35
C SER D 209 -21.81 -21.78 30.22
N ILE D 210 -21.99 -21.97 31.52
CA ILE D 210 -22.03 -20.87 32.46
C ILE D 210 -21.16 -21.21 33.64
N HIS D 211 -20.93 -22.51 33.85
CA HIS D 211 -20.05 -22.94 34.93
C HIS D 211 -18.65 -22.59 34.44
N VAL D 212 -18.49 -22.65 33.11
CA VAL D 212 -17.23 -22.34 32.46
C VAL D 212 -17.01 -20.85 32.57
N GLY D 213 -17.95 -20.09 32.01
CA GLY D 213 -17.86 -18.64 32.07
C GLY D 213 -17.57 -18.17 33.48
N VAL D 214 -18.20 -18.82 34.46
CA VAL D 214 -18.03 -18.49 35.88
C VAL D 214 -16.62 -18.76 36.37
N ARG D 215 -16.10 -19.93 36.04
CA ARG D 215 -14.76 -20.33 36.44
C ARG D 215 -13.78 -19.26 35.96
N CYS D 216 -13.83 -18.97 34.66
CA CYS D 216 -12.97 -17.99 34.04
C CYS D 216 -12.99 -16.64 34.74
N ILE D 217 -14.19 -16.14 35.02
CA ILE D 217 -14.32 -14.86 35.70
C ILE D 217 -13.50 -14.92 36.98
N GLU D 218 -13.76 -15.97 37.76
CA GLU D 218 -13.09 -16.20 39.03
C GLU D 218 -11.58 -16.23 38.84
N MET D 219 -11.15 -17.06 37.89
CA MET D 219 -9.73 -17.17 37.59
C MET D 219 -9.20 -15.78 37.26
N LEU D 220 -9.92 -15.07 36.40
CA LEU D 220 -9.53 -13.73 35.99
C LEU D 220 -9.39 -12.82 37.22
N ILE D 221 -10.38 -12.85 38.12
CA ILE D 221 -10.35 -12.03 39.33
C ILE D 221 -9.21 -12.48 40.24
N GLU D 222 -9.02 -13.79 40.31
CA GLU D 222 -7.98 -14.38 41.14
C GLU D 222 -6.58 -13.99 40.66
N SER D 223 -6.33 -14.16 39.37
CA SER D 223 -5.02 -13.83 38.81
C SER D 223 -4.76 -12.34 38.74
N THR D 224 -5.81 -11.56 38.48
CA THR D 224 -5.66 -10.11 38.39
C THR D 224 -6.97 -9.37 38.68
N GLY D 225 -6.90 -8.36 39.53
CA GLY D 225 -8.09 -7.62 39.88
C GLY D 225 -8.70 -6.79 38.76
N MET D 226 -8.49 -7.22 37.50
CA MET D 226 -9.03 -6.49 36.35
C MET D 226 -10.48 -6.11 36.59
N VAL D 227 -11.25 -7.07 37.08
CA VAL D 227 -12.65 -6.80 37.37
C VAL D 227 -12.91 -7.10 38.84
N SER D 228 -13.99 -6.51 39.34
CA SER D 228 -14.37 -6.70 40.73
C SER D 228 -15.82 -7.14 40.74
N LEU D 229 -16.12 -8.11 41.60
CA LEU D 229 -17.47 -8.61 41.74
C LEU D 229 -18.23 -7.66 42.66
N HIS D 230 -19.12 -6.86 42.09
CA HIS D 230 -19.90 -5.93 42.90
C HIS D 230 -20.84 -6.76 43.77
N ARG D 231 -20.69 -6.59 45.08
CA ARG D 231 -21.49 -7.33 46.06
C ARG D 231 -23.00 -7.13 45.89
N GLN D 232 -23.72 -8.24 45.75
CA GLN D 232 -25.16 -8.22 45.59
C GLN D 232 -25.71 -9.63 45.72
N SER D 241 -28.90 -12.66 42.53
CA SER D 241 -28.05 -12.34 41.38
C SER D 241 -27.12 -11.16 41.70
N GLU D 242 -25.95 -11.13 41.06
CA GLU D 242 -24.97 -10.06 41.27
C GLU D 242 -24.34 -9.58 39.95
N THR D 243 -23.46 -8.59 40.05
CA THR D 243 -22.82 -8.04 38.87
C THR D 243 -21.31 -7.83 39.04
N ILE D 244 -20.66 -7.45 37.95
CA ILE D 244 -19.24 -7.17 37.91
C ILE D 244 -19.00 -5.84 37.23
N GLU D 245 -17.84 -5.25 37.51
CA GLU D 245 -17.48 -3.97 36.92
C GLU D 245 -15.98 -3.86 36.85
N LEU D 246 -15.49 -3.04 35.93
CA LEU D 246 -14.08 -2.86 35.74
C LEU D 246 -13.35 -2.17 36.88
N ALA D 247 -12.14 -2.64 37.18
CA ALA D 247 -11.33 -2.05 38.22
C ALA D 247 -10.95 -0.63 37.79
N PRO D 248 -11.09 0.34 38.69
CA PRO D 248 -10.78 1.76 38.45
C PRO D 248 -9.37 1.98 37.90
N GLU D 249 -8.39 1.45 38.62
CA GLU D 249 -6.99 1.61 38.20
C GLU D 249 -6.81 1.16 36.76
N TYR D 250 -7.58 0.16 36.35
CA TYR D 250 -7.49 -0.36 34.98
C TYR D 250 -8.26 0.51 34.00
N ALA D 251 -9.48 0.88 34.35
CA ALA D 251 -10.29 1.75 33.49
C ALA D 251 -9.53 3.06 33.26
N GLU D 252 -9.07 3.68 34.36
CA GLU D 252 -8.34 4.92 34.26
C GLU D 252 -7.05 4.78 33.47
N ALA D 253 -6.64 3.54 33.21
CA ALA D 253 -5.42 3.27 32.47
C ALA D 253 -5.68 3.39 30.97
N ILE D 254 -6.72 2.71 30.49
CA ILE D 254 -7.10 2.76 29.08
C ILE D 254 -7.40 4.20 28.68
N ALA D 255 -8.07 4.91 29.58
CA ALA D 255 -8.42 6.31 29.35
C ALA D 255 -7.13 7.12 29.16
N THR D 256 -6.11 6.80 29.95
CA THR D 256 -4.84 7.50 29.87
C THR D 256 -4.09 7.23 28.56
N ARG D 257 -4.01 5.96 28.18
CA ARG D 257 -3.31 5.58 26.96
C ARG D 257 -4.05 6.17 25.75
N ALA D 258 -5.38 6.07 25.78
CA ALA D 258 -6.22 6.58 24.71
C ALA D 258 -6.11 8.09 24.61
N GLY D 259 -5.86 8.75 25.73
CA GLY D 259 -5.72 10.19 25.75
C GLY D 259 -4.46 10.57 25.02
N ALA D 260 -3.35 9.98 25.45
CA ALA D 260 -2.05 10.23 24.83
C ALA D 260 -2.09 9.88 23.33
N LEU D 261 -2.58 8.68 23.01
CA LEU D 261 -2.68 8.20 21.62
C LEU D 261 -3.38 9.17 20.66
N ALA D 262 -4.40 9.86 21.17
CA ALA D 262 -5.15 10.80 20.35
C ALA D 262 -4.47 12.17 20.20
N GLY D 263 -3.23 12.28 20.64
CA GLY D 263 -2.53 13.56 20.51
C GLY D 263 -1.30 13.44 19.63
N ILE D 264 -1.07 12.24 19.12
CA ILE D 264 0.09 11.97 18.28
C ILE D 264 -0.44 11.46 16.94
N SER D 265 -1.71 11.72 16.70
CA SER D 265 -2.40 11.31 15.49
C SER D 265 -2.94 12.55 14.75
N PRO D 266 -2.04 13.48 14.34
CA PRO D 266 -2.57 14.65 13.63
C PRO D 266 -2.98 14.39 12.19
N MET D 267 -3.92 15.19 11.68
CA MET D 267 -4.35 15.10 10.28
C MET D 267 -3.69 16.29 9.57
N PHE D 268 -2.44 16.09 9.15
CA PHE D 268 -1.63 17.11 8.48
C PHE D 268 -2.28 17.83 7.31
N GLN D 269 -2.04 19.15 7.24
CA GLN D 269 -2.60 20.01 6.19
C GLN D 269 -1.50 20.83 5.51
N PRO D 270 -1.81 21.44 4.35
CA PRO D 270 -0.78 22.24 3.69
C PRO D 270 -0.45 23.45 4.54
N CYS D 271 0.64 24.12 4.19
CA CYS D 271 1.06 25.33 4.91
C CYS D 271 0.56 26.56 4.17
N VAL D 272 0.52 27.68 4.87
CA VAL D 272 0.10 28.94 4.26
C VAL D 272 1.34 29.81 4.02
N VAL D 273 2.49 29.33 4.49
CA VAL D 273 3.77 30.03 4.33
C VAL D 273 4.75 29.00 3.81
N PRO D 274 5.89 29.42 3.23
CA PRO D 274 6.79 28.37 2.75
C PRO D 274 7.06 27.43 3.92
N PRO D 275 7.24 26.12 3.66
CA PRO D 275 7.48 25.25 4.81
C PRO D 275 8.85 25.46 5.44
N LYS D 276 9.03 24.94 6.66
CA LYS D 276 10.26 25.09 7.40
C LYS D 276 11.38 24.25 6.79
N PRO D 277 12.49 24.90 6.39
CA PRO D 277 13.65 24.22 5.78
C PRO D 277 14.20 23.08 6.61
N TRP D 278 14.71 22.03 5.95
CA TRP D 278 15.28 20.90 6.69
C TRP D 278 16.76 21.17 6.87
N THR D 279 17.23 20.97 8.10
CA THR D 279 18.63 21.17 8.41
C THR D 279 19.10 19.93 9.16
N GLY D 280 18.15 19.09 9.55
CA GLY D 280 18.44 17.87 10.28
C GLY D 280 17.53 16.73 9.86
N ILE D 281 17.52 15.65 10.65
CA ILE D 281 16.70 14.50 10.33
C ILE D 281 15.28 14.63 10.87
N THR D 282 15.06 15.64 11.69
CA THR D 282 13.73 15.88 12.22
C THR D 282 13.48 17.37 12.43
N GLY D 283 12.22 17.75 12.61
CA GLY D 283 11.90 19.15 12.83
C GLY D 283 11.59 20.07 11.64
N GLY D 284 11.98 19.68 10.43
CA GLY D 284 11.69 20.51 9.26
C GLY D 284 10.21 20.40 8.91
N GLY D 285 9.77 21.12 7.87
CA GLY D 285 8.37 21.07 7.45
C GLY D 285 7.44 22.06 8.13
N TYR D 286 6.87 21.67 9.27
CA TYR D 286 5.98 22.58 9.99
C TYR D 286 6.80 23.45 10.94
N TRP D 287 6.25 24.58 11.37
CA TRP D 287 7.00 25.48 12.24
C TRP D 287 6.83 25.27 13.74
N ALA D 288 5.63 24.90 14.17
CA ALA D 288 5.38 24.66 15.58
C ALA D 288 6.27 23.48 15.96
N ASN D 289 6.49 23.27 17.26
CA ASN D 289 7.31 22.16 17.68
C ASN D 289 6.43 21.13 18.39
N GLY D 290 5.28 20.86 17.77
CA GLY D 290 4.28 19.93 18.29
C GLY D 290 4.67 18.52 18.74
N ARG D 291 3.63 17.72 18.97
CA ARG D 291 3.80 16.32 19.43
C ARG D 291 4.44 15.37 18.43
N ARG D 292 3.97 15.38 17.17
CA ARG D 292 4.53 14.52 16.12
C ARG D 292 5.51 15.26 15.19
N PRO D 293 6.74 15.57 15.66
CA PRO D 293 7.72 16.27 14.81
C PRO D 293 7.95 15.46 13.54
N LEU D 294 8.16 16.16 12.43
CA LEU D 294 8.39 15.48 11.15
C LEU D 294 9.78 14.85 11.12
N ALA D 295 9.86 13.69 10.50
CA ALA D 295 11.14 12.99 10.36
C ALA D 295 11.52 13.08 8.88
N LEU D 296 12.75 13.50 8.60
CA LEU D 296 13.17 13.59 7.21
C LEU D 296 12.89 12.24 6.52
N VAL D 297 13.00 11.15 7.26
CA VAL D 297 12.80 9.83 6.70
C VAL D 297 11.82 8.99 7.49
N ARG D 298 10.91 8.35 6.76
CA ARG D 298 9.87 7.53 7.36
C ARG D 298 10.36 6.11 7.61
N THR D 299 11.24 5.99 8.57
CA THR D 299 11.77 4.70 8.98
C THR D 299 10.79 3.89 9.84
N HIS D 300 11.01 2.57 9.89
CA HIS D 300 10.17 1.68 10.69
C HIS D 300 10.92 1.37 11.98
N SER D 301 10.40 1.87 13.08
CA SER D 301 11.05 1.66 14.37
C SER D 301 12.30 2.54 14.42
N LYS D 302 12.18 3.66 15.13
CA LYS D 302 13.22 4.67 15.32
C LYS D 302 14.59 4.23 14.85
N LYS D 303 15.51 4.02 15.79
CA LYS D 303 16.89 3.59 15.54
C LYS D 303 17.39 3.75 14.11
N ALA D 304 16.64 3.42 13.12
CA ALA D 304 17.00 3.46 11.72
C ALA D 304 17.05 4.94 11.36
N LEU D 305 16.14 5.72 11.93
CA LEU D 305 16.11 7.15 11.67
C LEU D 305 17.38 7.79 12.21
N MET D 306 17.95 7.18 13.24
CA MET D 306 19.15 7.71 13.85
C MET D 306 20.38 7.46 13.00
N ARG D 307 20.32 6.46 12.13
CA ARG D 307 21.45 6.17 11.27
C ARG D 307 21.77 7.41 10.44
N TYR D 308 20.73 8.17 10.10
CA TYR D 308 20.87 9.38 9.29
C TYR D 308 21.36 10.59 10.10
N GLU D 309 21.41 10.42 11.42
CA GLU D 309 21.84 11.48 12.32
C GLU D 309 23.00 12.37 11.87
N ASP D 310 24.13 11.78 11.49
CA ASP D 310 25.28 12.60 11.08
C ASP D 310 25.80 12.30 9.68
N VAL D 311 24.91 11.84 8.81
CA VAL D 311 25.29 11.52 7.44
C VAL D 311 25.40 12.79 6.60
N TYR D 312 26.46 12.88 5.81
CA TYR D 312 26.69 14.03 4.94
C TYR D 312 26.02 13.77 3.59
N MET D 313 24.90 14.43 3.36
CA MET D 313 24.15 14.28 2.12
C MET D 313 23.51 15.64 1.80
N PRO D 314 24.34 16.66 1.50
CA PRO D 314 23.91 18.02 1.16
C PRO D 314 22.96 18.16 -0.03
N GLU D 315 23.14 17.31 -1.03
CA GLU D 315 22.30 17.32 -2.21
C GLU D 315 20.91 16.81 -1.92
N VAL D 316 20.81 15.85 -1.02
CA VAL D 316 19.51 15.30 -0.65
C VAL D 316 18.72 16.41 0.04
N TYR D 317 19.39 17.14 0.93
CA TYR D 317 18.75 18.23 1.62
C TYR D 317 18.33 19.35 0.67
N LYS D 318 19.23 19.79 -0.21
CA LYS D 318 18.89 20.85 -1.15
C LYS D 318 17.62 20.51 -1.92
N ALA D 319 17.47 19.23 -2.28
CA ALA D 319 16.32 18.77 -3.03
C ALA D 319 14.98 18.82 -2.25
N ILE D 320 14.94 18.14 -1.10
CA ILE D 320 13.71 18.13 -0.32
C ILE D 320 13.24 19.55 -0.04
N ASN D 321 14.20 20.46 0.06
CA ASN D 321 13.88 21.86 0.35
C ASN D 321 13.38 22.66 -0.85
N ILE D 322 14.06 22.52 -1.97
CA ILE D 322 13.63 23.21 -3.17
C ILE D 322 12.23 22.75 -3.52
N ALA D 323 12.01 21.45 -3.34
CA ALA D 323 10.75 20.78 -3.63
C ALA D 323 9.61 21.33 -2.84
N GLN D 324 9.73 21.30 -1.52
CA GLN D 324 8.64 21.80 -0.71
C GLN D 324 8.57 23.30 -0.75
N ASN D 325 9.49 23.93 -1.47
CA ASN D 325 9.45 25.37 -1.55
C ASN D 325 8.62 25.85 -2.73
N THR D 326 8.02 24.90 -3.43
CA THR D 326 7.17 25.16 -4.58
C THR D 326 5.81 25.67 -4.09
N ALA D 327 5.42 26.88 -4.51
CA ALA D 327 4.13 27.45 -4.11
C ALA D 327 3.00 26.97 -5.02
N TRP D 328 1.88 26.56 -4.41
CA TRP D 328 0.72 26.06 -5.14
C TRP D 328 -0.51 26.88 -4.78
N LYS D 329 -1.57 26.72 -5.55
CA LYS D 329 -2.81 27.40 -5.23
C LYS D 329 -3.94 26.50 -5.73
N ILE D 330 -5.14 26.72 -5.20
CA ILE D 330 -6.29 25.94 -5.63
C ILE D 330 -6.69 26.44 -7.01
N ASN D 331 -7.16 25.53 -7.85
CA ASN D 331 -7.62 25.91 -9.17
C ASN D 331 -9.11 26.21 -9.04
N LYS D 332 -9.46 27.49 -8.90
CA LYS D 332 -10.85 27.89 -8.72
C LYS D 332 -11.82 27.43 -9.80
N LYS D 333 -11.55 27.77 -11.06
CA LYS D 333 -12.45 27.34 -12.13
C LYS D 333 -12.76 25.83 -12.01
N VAL D 334 -11.74 25.02 -11.75
CA VAL D 334 -11.97 23.60 -11.62
C VAL D 334 -12.77 23.28 -10.34
N LEU D 335 -12.49 24.00 -9.26
CA LEU D 335 -13.20 23.81 -7.99
C LEU D 335 -14.68 24.12 -8.18
N ALA D 336 -14.96 25.11 -9.02
CA ALA D 336 -16.32 25.54 -9.32
C ALA D 336 -17.19 24.40 -9.83
N VAL D 337 -16.71 23.71 -10.85
CA VAL D 337 -17.45 22.60 -11.42
C VAL D 337 -17.39 21.34 -10.55
N ALA D 338 -16.26 21.11 -9.91
CA ALA D 338 -16.12 19.93 -9.06
C ALA D 338 -17.13 19.97 -7.91
N ASN D 339 -17.23 21.12 -7.27
CA ASN D 339 -18.17 21.26 -6.16
C ASN D 339 -19.58 20.79 -6.50
N VAL D 340 -20.05 21.14 -7.70
CA VAL D 340 -21.41 20.81 -8.09
C VAL D 340 -21.61 19.50 -8.82
N ILE D 341 -20.84 19.31 -9.88
CA ILE D 341 -20.98 18.12 -10.67
C ILE D 341 -20.87 16.84 -9.85
N THR D 342 -20.34 16.95 -8.64
CA THR D 342 -20.19 15.80 -7.76
C THR D 342 -21.44 15.63 -6.89
N LYS D 343 -22.38 16.56 -7.00
CA LYS D 343 -23.64 16.48 -6.24
C LYS D 343 -24.74 15.93 -7.15
N TRP D 344 -24.42 15.78 -8.43
CA TRP D 344 -25.38 15.27 -9.40
C TRP D 344 -25.73 13.81 -9.16
N LYS D 345 -26.93 13.41 -9.57
CA LYS D 345 -27.35 12.01 -9.42
C LYS D 345 -26.65 11.25 -10.54
N HIS D 346 -26.50 11.92 -11.68
CA HIS D 346 -25.83 11.31 -12.81
C HIS D 346 -24.68 12.18 -13.29
N CYS D 347 -23.49 11.75 -12.90
CA CYS D 347 -22.26 12.45 -13.22
C CYS D 347 -21.65 11.89 -14.51
N PRO D 348 -21.22 12.79 -15.41
CA PRO D 348 -20.61 12.49 -16.70
C PRO D 348 -19.20 11.93 -16.57
N VAL D 349 -18.58 12.21 -15.42
CA VAL D 349 -17.24 11.73 -15.12
C VAL D 349 -17.37 10.31 -14.65
N GLU D 350 -16.57 9.42 -15.23
CA GLU D 350 -16.63 8.01 -14.89
C GLU D 350 -16.04 7.62 -13.54
N ASP D 351 -16.85 6.90 -12.77
CA ASP D 351 -16.46 6.44 -11.46
C ASP D 351 -16.04 7.56 -10.54
N ILE D 352 -16.98 8.47 -10.29
CA ILE D 352 -16.79 9.57 -9.36
C ILE D 352 -17.97 9.43 -8.41
N PRO D 353 -17.91 8.42 -7.52
CA PRO D 353 -18.93 8.09 -6.53
C PRO D 353 -20.37 8.46 -6.86
N ALA D 354 -21.29 7.98 -6.05
CA ALA D 354 -22.69 8.27 -6.24
C ALA D 354 -23.09 8.84 -4.91
N ILE D 355 -23.65 10.04 -4.93
CA ILE D 355 -24.08 10.65 -3.68
C ILE D 355 -25.03 9.72 -2.93
N GLU D 356 -25.86 8.98 -3.68
CA GLU D 356 -26.81 8.05 -3.07
C GLU D 356 -26.44 6.61 -3.39
N ARG D 357 -26.76 5.72 -2.46
CA ARG D 357 -26.47 4.30 -2.65
C ARG D 357 -27.40 3.65 -3.65
N GLU D 358 -26.90 2.61 -4.30
CA GLU D 358 -27.65 1.88 -5.31
C GLU D 358 -28.79 1.07 -4.70
N GLU D 359 -29.00 -0.12 -5.25
CA GLU D 359 -30.05 -1.03 -4.79
C GLU D 359 -29.91 -2.33 -5.57
N LEU D 360 -30.64 -3.35 -5.15
CA LEU D 360 -30.59 -4.63 -5.83
C LEU D 360 -31.99 -5.15 -6.13
N PRO D 361 -32.13 -5.97 -7.18
CA PRO D 361 -33.43 -6.53 -7.58
C PRO D 361 -33.80 -7.78 -6.79
N MET D 362 -34.67 -7.61 -5.78
CA MET D 362 -35.13 -8.72 -4.93
C MET D 362 -36.37 -9.37 -5.54
N LYS D 363 -36.21 -10.59 -6.06
CA LYS D 363 -37.31 -11.32 -6.67
C LYS D 363 -38.59 -11.37 -5.83
N THR D 375 -27.05 -19.61 -8.33
CA THR D 375 -28.01 -19.57 -9.45
C THR D 375 -28.86 -18.29 -9.54
N ALA D 376 -28.39 -17.36 -10.38
CA ALA D 376 -29.07 -16.08 -10.64
C ALA D 376 -28.89 -14.97 -9.59
N TRP D 377 -29.92 -14.72 -8.79
CA TRP D 377 -29.92 -13.68 -7.77
C TRP D 377 -28.70 -13.69 -6.83
N LYS D 378 -27.96 -14.79 -6.83
CA LYS D 378 -26.78 -14.88 -5.96
C LYS D 378 -25.82 -13.70 -6.17
N ARG D 379 -25.56 -13.39 -7.43
CA ARG D 379 -24.67 -12.32 -7.83
C ARG D 379 -25.39 -10.97 -7.81
N ALA D 380 -26.66 -10.99 -8.15
CA ALA D 380 -27.46 -9.77 -8.15
C ALA D 380 -27.32 -9.10 -6.79
N ALA D 381 -26.73 -9.82 -5.85
CA ALA D 381 -26.52 -9.31 -4.49
C ALA D 381 -25.03 -9.06 -4.26
N ALA D 382 -24.24 -10.11 -4.37
CA ALA D 382 -22.79 -10.00 -4.17
C ALA D 382 -22.24 -8.82 -4.96
N ALA D 383 -22.87 -8.52 -6.08
CA ALA D 383 -22.46 -7.43 -6.96
C ALA D 383 -22.69 -6.08 -6.31
N VAL D 384 -23.94 -5.66 -6.27
CA VAL D 384 -24.31 -4.38 -5.68
C VAL D 384 -23.59 -4.19 -4.35
N TYR D 385 -23.40 -5.28 -3.61
CA TYR D 385 -22.73 -5.24 -2.32
C TYR D 385 -21.33 -4.68 -2.48
N ARG D 386 -20.50 -5.46 -3.17
CA ARG D 386 -19.12 -5.06 -3.43
C ARG D 386 -19.09 -3.64 -3.95
N LYS D 387 -19.83 -3.41 -5.04
CA LYS D 387 -19.93 -2.13 -5.68
C LYS D 387 -20.18 -0.97 -4.73
N ASP D 388 -20.99 -1.19 -3.69
CA ASP D 388 -21.30 -0.11 -2.74
C ASP D 388 -20.21 0.15 -1.72
N LYS D 389 -19.69 -0.91 -1.11
CA LYS D 389 -18.63 -0.75 -0.13
C LYS D 389 -17.54 0.12 -0.76
N ALA D 390 -17.17 -0.20 -2.00
CA ALA D 390 -16.14 0.52 -2.74
C ALA D 390 -16.51 1.97 -2.98
N ARG D 391 -17.77 2.20 -3.32
CA ARG D 391 -18.24 3.55 -3.56
C ARG D 391 -18.23 4.37 -2.28
N LYS D 392 -18.75 3.80 -1.20
CA LYS D 392 -18.79 4.52 0.06
C LYS D 392 -17.37 4.91 0.47
N SER D 393 -16.39 4.14 0.01
CA SER D 393 -14.99 4.38 0.30
C SER D 393 -14.43 5.52 -0.51
N ARG D 394 -14.83 5.60 -1.78
CA ARG D 394 -14.34 6.66 -2.62
C ARG D 394 -14.97 7.98 -2.16
N ARG D 395 -16.23 7.89 -1.76
CA ARG D 395 -16.97 9.06 -1.33
C ARG D 395 -16.27 9.75 -0.16
N ILE D 396 -15.96 9.00 0.90
CA ILE D 396 -15.31 9.57 2.05
C ILE D 396 -14.09 10.41 1.70
N SER D 397 -13.31 9.88 0.77
CA SER D 397 -12.09 10.50 0.30
C SER D 397 -12.33 11.72 -0.57
N LEU D 398 -13.30 11.61 -1.47
CA LEU D 398 -13.61 12.68 -2.38
C LEU D 398 -14.10 13.87 -1.61
N GLU D 399 -15.03 13.60 -0.70
CA GLU D 399 -15.60 14.66 0.09
C GLU D 399 -14.53 15.39 0.89
N PHE D 400 -13.54 14.64 1.40
CA PHE D 400 -12.46 15.24 2.18
C PHE D 400 -11.54 16.09 1.30
N MET D 401 -11.14 15.57 0.16
CA MET D 401 -10.27 16.34 -0.70
C MET D 401 -10.98 17.59 -1.18
N LEU D 402 -12.30 17.48 -1.27
CA LEU D 402 -13.20 18.54 -1.72
C LEU D 402 -13.37 19.57 -0.60
N GLU D 403 -13.86 19.07 0.52
CA GLU D 403 -14.10 19.91 1.67
C GLU D 403 -12.75 20.13 2.29
N GLN D 404 -11.87 20.77 1.53
CA GLN D 404 -10.51 21.02 2.00
C GLN D 404 -9.81 21.92 1.01
N ALA D 405 -10.24 21.89 -0.24
CA ALA D 405 -9.66 22.76 -1.24
C ALA D 405 -10.49 24.02 -1.13
N ASN D 406 -11.73 23.83 -0.72
CA ASN D 406 -12.66 24.92 -0.52
C ASN D 406 -12.13 25.76 0.64
N LYS D 407 -11.42 25.10 1.53
CA LYS D 407 -10.87 25.77 2.67
C LYS D 407 -9.68 26.65 2.25
N PHE D 408 -8.97 26.27 1.20
CA PHE D 408 -7.81 27.05 0.76
C PHE D 408 -8.07 27.77 -0.54
N ALA D 409 -9.32 27.77 -0.94
CA ALA D 409 -9.72 28.41 -2.17
C ALA D 409 -9.17 29.83 -2.34
N ASN D 410 -9.37 30.67 -1.33
CA ASN D 410 -8.93 32.05 -1.44
C ASN D 410 -7.47 32.39 -1.14
N HIS D 411 -6.73 31.50 -0.50
CA HIS D 411 -5.35 31.83 -0.20
C HIS D 411 -4.56 32.18 -1.44
N LYS D 412 -3.62 33.12 -1.28
CA LYS D 412 -2.80 33.58 -2.39
C LYS D 412 -1.95 32.42 -2.93
N ALA D 413 -1.46 31.59 -2.00
CA ALA D 413 -0.67 30.41 -2.32
C ALA D 413 -0.62 29.50 -1.09
N ILE D 414 -0.34 28.20 -1.30
CA ILE D 414 -0.18 27.22 -0.20
C ILE D 414 1.08 26.39 -0.46
N TRP D 415 1.52 25.66 0.56
CA TRP D 415 2.71 24.87 0.40
C TRP D 415 2.52 23.52 1.01
N PHE D 416 3.41 22.59 0.63
CA PHE D 416 3.37 21.24 1.18
C PHE D 416 4.74 20.81 1.63
N PRO D 417 4.84 20.39 2.90
CA PRO D 417 6.11 19.93 3.46
C PRO D 417 6.42 18.52 2.89
N TYR D 418 7.70 18.23 2.68
CA TYR D 418 8.15 16.95 2.15
C TYR D 418 9.19 16.22 2.99
N ASN D 419 9.11 14.90 2.95
CA ASN D 419 10.10 14.04 3.59
C ASN D 419 10.11 12.83 2.69
N MET D 420 10.83 11.78 3.08
CA MET D 420 10.92 10.63 2.22
C MET D 420 10.72 9.29 2.90
N ASP D 421 10.39 8.25 2.13
CA ASP D 421 10.26 6.92 2.71
C ASP D 421 11.69 6.38 2.83
N TRP D 422 11.83 5.18 3.40
CA TRP D 422 13.17 4.67 3.63
C TRP D 422 14.05 4.40 2.44
N ARG D 423 13.50 4.28 1.24
CA ARG D 423 14.33 4.09 0.04
C ARG D 423 14.75 5.44 -0.56
N GLY D 424 14.10 6.52 -0.14
CA GLY D 424 14.46 7.80 -0.70
C GLY D 424 13.37 8.51 -1.47
N ARG D 425 12.30 7.82 -1.86
CA ARG D 425 11.21 8.47 -2.57
C ARG D 425 10.62 9.62 -1.73
N VAL D 426 10.29 10.73 -2.42
CA VAL D 426 9.77 11.95 -1.79
C VAL D 426 8.25 11.99 -1.79
N TYR D 427 7.67 12.09 -0.61
CA TYR D 427 6.22 12.13 -0.43
C TYR D 427 5.82 13.44 0.26
N ALA D 428 4.75 14.09 -0.20
CA ALA D 428 4.29 15.32 0.46
C ALA D 428 3.68 14.81 1.76
N VAL D 429 3.78 15.59 2.82
CA VAL D 429 3.27 15.18 4.13
C VAL D 429 1.78 15.37 4.40
N SER D 430 1.18 16.46 3.89
CA SER D 430 -0.25 16.69 4.12
C SER D 430 -1.14 15.63 3.46
N MET D 431 -2.31 15.37 4.04
CA MET D 431 -3.22 14.37 3.49
C MET D 431 -3.73 14.76 2.12
N PHE D 432 -3.95 16.05 1.93
CA PHE D 432 -4.41 16.61 0.66
C PHE D 432 -3.13 17.21 0.05
N ASN D 433 -2.67 16.63 -1.07
CA ASN D 433 -1.44 17.08 -1.73
C ASN D 433 -1.46 16.81 -3.23
N PRO D 434 -0.43 17.27 -3.97
CA PRO D 434 -0.32 17.10 -5.43
C PRO D 434 -0.13 15.68 -5.97
N GLN D 435 0.08 14.72 -5.09
CA GLN D 435 0.31 13.35 -5.53
C GLN D 435 -0.91 12.46 -5.35
N GLY D 436 -2.09 13.09 -5.30
CA GLY D 436 -3.31 12.34 -5.12
C GLY D 436 -3.85 11.87 -6.46
N ASN D 437 -5.14 11.56 -6.50
CA ASN D 437 -5.81 11.10 -7.72
C ASN D 437 -6.13 12.27 -8.67
N ASP D 438 -6.86 11.96 -9.72
CA ASP D 438 -7.23 12.93 -10.75
C ASP D 438 -8.00 14.16 -10.27
N MET D 439 -8.98 13.99 -9.40
CA MET D 439 -9.72 15.15 -8.95
C MET D 439 -8.83 16.05 -8.11
N THR D 440 -7.94 15.46 -7.33
CA THR D 440 -7.02 16.23 -6.51
C THR D 440 -6.00 16.99 -7.37
N LYS D 441 -5.45 16.33 -8.36
CA LYS D 441 -4.47 16.99 -9.19
C LYS D 441 -5.08 18.16 -9.97
N GLY D 442 -6.31 17.94 -10.45
CA GLY D 442 -7.02 18.99 -11.19
C GLY D 442 -7.30 20.22 -10.35
N LEU D 443 -7.61 20.02 -9.07
CA LEU D 443 -7.89 21.14 -8.15
C LEU D 443 -6.68 21.98 -7.80
N LEU D 444 -5.50 21.44 -8.02
CA LEU D 444 -4.29 22.15 -7.66
C LEU D 444 -3.52 22.70 -8.84
N THR D 445 -2.93 23.87 -8.67
CA THR D 445 -2.12 24.45 -9.74
C THR D 445 -0.98 25.19 -9.08
N LEU D 446 -0.02 25.67 -9.86
CA LEU D 446 1.10 26.38 -9.28
C LEU D 446 0.86 27.90 -9.17
N ALA D 447 1.30 28.48 -8.07
CA ALA D 447 1.08 29.88 -7.83
C ALA D 447 1.93 30.80 -8.71
N LYS D 448 3.24 30.59 -8.72
CA LYS D 448 4.13 31.44 -9.50
C LYS D 448 4.10 31.11 -11.00
N GLY D 449 3.20 31.78 -11.71
CA GLY D 449 3.07 31.59 -13.15
C GLY D 449 4.01 32.49 -13.94
N LYS D 450 3.96 32.39 -15.26
CA LYS D 450 4.83 33.16 -16.15
C LYS D 450 4.22 33.22 -17.56
N PRO D 451 4.50 34.29 -18.35
CA PRO D 451 3.95 34.38 -19.70
C PRO D 451 4.27 33.07 -20.40
N ILE D 452 3.24 32.38 -20.88
CA ILE D 452 3.43 31.07 -21.49
C ILE D 452 4.48 30.99 -22.57
N GLY D 453 4.47 31.93 -23.51
CA GLY D 453 5.44 31.92 -24.58
C GLY D 453 5.14 30.88 -25.64
N LYS D 454 5.87 30.97 -26.75
CA LYS D 454 5.73 30.06 -27.90
C LYS D 454 5.83 28.57 -27.53
N GLU D 455 6.85 28.23 -26.74
CA GLU D 455 7.07 26.84 -26.34
C GLU D 455 6.17 26.36 -25.20
N GLY D 456 5.98 27.20 -24.19
CA GLY D 456 5.11 26.79 -23.11
C GLY D 456 3.79 26.38 -23.72
N TYR D 457 3.39 27.10 -24.77
CA TYR D 457 2.16 26.80 -25.47
C TYR D 457 2.26 25.44 -26.17
N TYR D 458 3.38 25.20 -26.83
CA TYR D 458 3.58 23.93 -27.52
C TYR D 458 3.36 22.81 -26.52
N TRP D 459 4.08 22.87 -25.41
CA TRP D 459 3.99 21.85 -24.38
C TRP D 459 2.65 21.78 -23.69
N LEU D 460 2.00 22.93 -23.55
CA LEU D 460 0.69 22.94 -22.93
C LEU D 460 -0.21 22.04 -23.76
N LYS D 461 -0.13 22.19 -25.08
CA LYS D 461 -1.01 21.39 -25.93
C LYS D 461 -0.68 19.92 -25.79
N ILE D 462 0.59 19.61 -25.63
CA ILE D 462 0.93 18.21 -25.46
C ILE D 462 0.43 17.73 -24.11
N HIS D 463 0.55 18.56 -23.08
CA HIS D 463 0.05 18.12 -21.79
C HIS D 463 -1.42 17.79 -22.03
N GLY D 464 -2.13 18.66 -22.73
CA GLY D 464 -3.54 18.40 -22.99
C GLY D 464 -3.81 17.13 -23.78
N ALA D 465 -2.90 16.80 -24.70
CA ALA D 465 -3.08 15.59 -25.50
C ALA D 465 -2.97 14.39 -24.58
N ASN D 466 -1.96 14.40 -23.72
CA ASN D 466 -1.73 13.32 -22.76
C ASN D 466 -2.93 13.19 -21.84
N CYS D 467 -3.50 14.31 -21.39
CA CYS D 467 -4.67 14.25 -20.50
C CYS D 467 -5.86 13.57 -21.18
N ALA D 468 -5.91 13.60 -22.50
CA ALA D 468 -7.02 12.98 -23.22
C ALA D 468 -6.70 11.50 -23.47
N GLY D 469 -5.54 11.07 -22.98
CA GLY D 469 -5.14 9.71 -23.16
C GLY D 469 -4.39 9.48 -24.46
N VAL D 470 -4.33 10.50 -25.32
CA VAL D 470 -3.61 10.39 -26.60
C VAL D 470 -2.12 10.62 -26.32
N ASP D 471 -1.42 9.58 -25.91
CA ASP D 471 -0.01 9.70 -25.57
C ASP D 471 0.86 8.60 -26.18
N LYS D 472 0.24 7.71 -26.94
CA LYS D 472 0.94 6.59 -27.57
C LYS D 472 1.20 6.85 -29.05
N VAL D 473 1.45 8.11 -29.38
CA VAL D 473 1.67 8.52 -30.75
C VAL D 473 2.61 9.71 -30.68
N PRO D 474 3.41 9.95 -31.74
CA PRO D 474 4.36 11.08 -31.78
C PRO D 474 3.79 12.48 -31.53
N PHE D 475 4.67 13.41 -31.16
CA PHE D 475 4.27 14.77 -30.84
C PHE D 475 3.45 15.54 -31.86
N PRO D 476 3.87 15.55 -33.14
CA PRO D 476 3.06 16.28 -34.13
C PRO D 476 1.61 15.82 -34.14
N GLU D 477 1.43 14.51 -33.89
CA GLU D 477 0.11 13.85 -33.88
C GLU D 477 -0.72 14.31 -32.67
N ARG D 478 -0.04 14.55 -31.56
CA ARG D 478 -0.71 15.01 -30.36
C ARG D 478 -1.12 16.47 -30.56
N ILE D 479 -0.28 17.24 -31.26
CA ILE D 479 -0.58 18.64 -31.53
C ILE D 479 -1.78 18.71 -32.48
N LYS D 480 -1.76 17.85 -33.48
CA LYS D 480 -2.84 17.76 -34.46
C LYS D 480 -4.14 17.46 -33.73
N PHE D 481 -4.09 16.48 -32.84
CA PHE D 481 -5.26 16.08 -32.06
C PHE D 481 -5.87 17.26 -31.33
N ILE D 482 -5.03 18.10 -30.76
CA ILE D 482 -5.55 19.26 -30.03
C ILE D 482 -6.05 20.32 -30.99
N GLU D 483 -5.29 20.58 -32.05
CA GLU D 483 -5.68 21.57 -33.04
C GLU D 483 -7.04 21.21 -33.65
N GLU D 484 -7.21 19.90 -33.88
CA GLU D 484 -8.44 19.32 -34.44
C GLU D 484 -9.65 19.51 -33.55
N ASN D 485 -9.43 19.62 -32.24
CA ASN D 485 -10.52 19.76 -31.28
C ASN D 485 -10.67 21.17 -30.70
N HIS D 486 -10.09 22.15 -31.37
CA HIS D 486 -10.15 23.52 -30.90
C HIS D 486 -11.52 23.93 -30.37
N GLU D 487 -12.56 23.69 -31.17
CA GLU D 487 -13.91 24.07 -30.79
C GLU D 487 -14.51 23.29 -29.62
N ASN D 488 -14.18 22.01 -29.52
CA ASN D 488 -14.67 21.19 -28.41
C ASN D 488 -14.10 21.77 -27.13
N ILE D 489 -12.80 22.00 -27.15
CA ILE D 489 -12.07 22.54 -26.02
C ILE D 489 -12.57 23.93 -25.64
N MET D 490 -12.79 24.80 -26.63
CA MET D 490 -13.29 26.14 -26.36
C MET D 490 -14.64 26.08 -25.65
N ALA D 491 -15.48 25.13 -26.08
CA ALA D 491 -16.82 24.92 -25.52
C ALA D 491 -16.80 24.47 -24.05
N CYS D 492 -15.94 23.49 -23.76
CA CYS D 492 -15.85 22.99 -22.40
C CYS D 492 -15.39 24.08 -21.46
N ALA D 493 -14.54 24.98 -21.95
CA ALA D 493 -14.05 26.08 -21.13
C ALA D 493 -15.13 27.12 -20.84
N LYS D 494 -15.93 27.42 -21.87
CA LYS D 494 -17.02 28.38 -21.73
C LYS D 494 -18.12 27.85 -20.81
N SER D 495 -18.58 26.63 -21.07
CA SER D 495 -19.62 26.03 -20.25
C SER D 495 -19.35 24.57 -19.90
N PRO D 496 -18.50 24.36 -18.88
CA PRO D 496 -18.14 23.02 -18.42
C PRO D 496 -19.31 22.17 -17.93
N LEU D 497 -20.33 22.82 -17.36
CA LEU D 497 -21.51 22.09 -16.87
C LEU D 497 -22.50 21.78 -17.98
N GLU D 498 -22.32 22.42 -19.13
CA GLU D 498 -23.22 22.21 -20.24
C GLU D 498 -22.66 21.25 -21.27
N ASN D 499 -21.42 21.48 -21.69
CA ASN D 499 -20.78 20.66 -22.72
C ASN D 499 -20.29 19.28 -22.28
N THR D 500 -19.48 19.22 -21.24
CA THR D 500 -19.00 17.95 -20.66
C THR D 500 -18.23 16.91 -21.50
N TRP D 501 -17.74 17.30 -22.66
CA TRP D 501 -16.95 16.35 -23.45
C TRP D 501 -15.66 16.03 -22.65
N TRP D 502 -15.10 17.04 -22.00
CA TRP D 502 -13.87 16.89 -21.21
C TRP D 502 -14.02 15.79 -20.17
N ALA D 503 -15.25 15.58 -19.71
CA ALA D 503 -15.51 14.60 -18.67
C ALA D 503 -15.41 13.16 -19.16
N GLU D 504 -15.31 13.00 -20.47
CA GLU D 504 -15.21 11.67 -21.03
C GLU D 504 -13.77 11.28 -21.33
N GLN D 505 -12.83 12.20 -21.09
CA GLN D 505 -11.42 11.94 -21.35
C GLN D 505 -10.79 11.13 -20.21
N ASP D 506 -9.60 10.58 -20.46
CA ASP D 506 -8.92 9.76 -19.45
C ASP D 506 -8.68 10.40 -18.08
N SER D 507 -8.31 11.68 -18.05
CA SER D 507 -8.11 12.42 -16.80
C SER D 507 -8.98 13.66 -16.97
N PRO D 508 -10.30 13.53 -16.74
CA PRO D 508 -11.26 14.63 -16.88
C PRO D 508 -10.98 15.98 -16.20
N PHE D 509 -10.62 15.99 -14.92
CA PHE D 509 -10.36 17.28 -14.29
C PHE D 509 -9.01 17.86 -14.70
N CYS D 510 -8.03 17.00 -14.91
CA CYS D 510 -6.77 17.55 -15.36
C CYS D 510 -6.99 18.08 -16.77
N PHE D 511 -7.73 17.34 -17.58
CA PHE D 511 -8.02 17.80 -18.95
C PHE D 511 -8.81 19.13 -18.89
N LEU D 512 -9.90 19.13 -18.13
CA LEU D 512 -10.68 20.34 -17.95
C LEU D 512 -9.72 21.45 -17.51
N ALA D 513 -8.90 21.16 -16.53
CA ALA D 513 -7.94 22.17 -16.06
C ALA D 513 -7.13 22.73 -17.24
N PHE D 514 -6.79 21.86 -18.18
CA PHE D 514 -6.05 22.34 -19.34
C PHE D 514 -6.96 23.12 -20.28
N CYS D 515 -8.25 22.78 -20.34
CA CYS D 515 -9.16 23.52 -21.21
C CYS D 515 -9.19 25.00 -20.81
N PHE D 516 -9.27 25.26 -19.53
CA PHE D 516 -9.29 26.64 -19.06
C PHE D 516 -7.99 27.36 -19.38
N GLU D 517 -6.88 26.65 -19.43
CA GLU D 517 -5.63 27.33 -19.74
C GLU D 517 -5.52 27.54 -21.22
N TYR D 518 -5.96 26.55 -21.98
CA TYR D 518 -5.89 26.61 -23.44
C TYR D 518 -6.72 27.77 -23.98
N ALA D 519 -7.86 28.00 -23.35
CA ALA D 519 -8.74 29.08 -23.75
C ALA D 519 -8.10 30.42 -23.40
N GLY D 520 -7.47 30.48 -22.23
CA GLY D 520 -6.81 31.70 -21.81
C GLY D 520 -5.86 32.21 -22.88
N VAL D 521 -5.08 31.32 -23.47
CA VAL D 521 -4.15 31.74 -24.50
C VAL D 521 -4.89 32.32 -25.68
N GLN D 522 -6.01 31.69 -26.05
CA GLN D 522 -6.80 32.18 -27.19
C GLN D 522 -7.27 33.60 -26.93
N HIS D 523 -7.86 33.80 -25.77
CA HIS D 523 -8.35 35.11 -25.40
C HIS D 523 -7.24 36.13 -25.15
N HIS D 524 -6.03 35.67 -24.81
CA HIS D 524 -4.95 36.61 -24.51
C HIS D 524 -3.63 36.52 -25.25
N GLY D 525 -3.42 35.48 -26.03
CA GLY D 525 -2.16 35.37 -26.75
C GLY D 525 -1.09 34.78 -25.87
N LEU D 526 0.14 34.75 -26.37
CA LEU D 526 1.27 34.17 -25.64
C LEU D 526 1.80 34.96 -24.43
N SER D 527 1.43 36.21 -24.29
CA SER D 527 1.92 36.98 -23.15
C SER D 527 1.18 36.47 -21.94
N TYR D 528 0.14 35.68 -22.21
CA TYR D 528 -0.72 35.07 -21.20
C TYR D 528 0.07 34.30 -20.12
N ASN D 529 -0.14 34.71 -18.86
CA ASN D 529 0.52 34.13 -17.71
C ASN D 529 -0.07 32.76 -17.33
N CYS D 530 0.72 31.71 -17.50
CA CYS D 530 0.22 30.38 -17.18
C CYS D 530 1.07 29.68 -16.12
N SER D 531 0.40 28.92 -15.25
CA SER D 531 1.07 28.20 -14.18
C SER D 531 0.58 26.76 -14.08
N LEU D 532 -0.17 26.30 -15.07
CA LEU D 532 -0.65 24.94 -15.04
C LEU D 532 0.59 24.07 -15.04
N PRO D 533 0.60 23.01 -14.22
CA PRO D 533 1.75 22.12 -14.16
C PRO D 533 1.68 21.01 -15.22
N LEU D 534 2.63 21.05 -16.16
CA LEU D 534 2.67 20.07 -17.25
C LEU D 534 3.54 18.88 -16.83
N ALA D 535 2.93 17.69 -16.77
CA ALA D 535 3.63 16.48 -16.35
C ALA D 535 4.41 15.72 -17.42
N PHE D 536 5.63 15.34 -17.08
CA PHE D 536 6.49 14.54 -17.96
C PHE D 536 6.67 13.19 -17.23
N ASP D 537 5.97 12.16 -17.67
CA ASP D 537 6.06 10.86 -17.01
C ASP D 537 6.88 9.83 -17.76
N GLY D 538 7.74 9.11 -17.04
CA GLY D 538 8.53 8.05 -17.66
C GLY D 538 7.66 6.81 -17.83
N SER D 539 8.08 5.89 -18.71
CA SER D 539 7.31 4.68 -18.97
C SER D 539 7.99 3.43 -18.44
N CYS D 540 7.61 3.01 -17.24
CA CYS D 540 8.20 1.83 -16.59
C CYS D 540 9.58 2.19 -16.09
N SER D 541 9.63 3.05 -15.08
CA SER D 541 10.88 3.51 -14.49
C SER D 541 11.82 2.36 -14.16
N GLY D 542 11.25 1.32 -13.55
CA GLY D 542 12.02 0.15 -13.18
C GLY D 542 12.85 -0.34 -14.35
N ILE D 543 12.18 -0.72 -15.44
CA ILE D 543 12.88 -1.20 -16.61
C ILE D 543 13.79 -0.16 -17.26
N GLN D 544 13.37 1.12 -17.24
CA GLN D 544 14.20 2.18 -17.79
C GLN D 544 15.55 2.24 -17.08
N HIS D 545 15.51 2.13 -15.76
CA HIS D 545 16.72 2.18 -14.96
C HIS D 545 17.63 0.95 -15.06
N PHE D 546 17.05 -0.25 -15.15
CA PHE D 546 17.87 -1.45 -15.26
C PHE D 546 18.54 -1.46 -16.60
N SER D 547 17.77 -1.12 -17.63
CA SER D 547 18.28 -1.06 -18.98
C SER D 547 19.35 0.00 -19.06
N ALA D 548 19.13 1.10 -18.36
CA ALA D 548 20.10 2.19 -18.37
C ALA D 548 21.38 1.81 -17.66
N MET D 549 21.30 1.10 -16.53
CA MET D 549 22.53 0.73 -15.83
C MET D 549 23.30 -0.38 -16.54
N LEU D 550 22.57 -1.28 -17.20
CA LEU D 550 23.22 -2.37 -17.89
C LEU D 550 23.50 -2.12 -19.38
N ARG D 551 23.22 -0.89 -19.85
CA ARG D 551 23.40 -0.52 -21.26
C ARG D 551 22.63 -1.44 -22.19
N ASP D 552 21.48 -1.93 -21.73
CA ASP D 552 20.66 -2.83 -22.55
C ASP D 552 20.06 -2.05 -23.70
N GLU D 553 20.56 -2.27 -24.90
CA GLU D 553 20.06 -1.57 -26.07
C GLU D 553 18.73 -2.12 -26.62
N VAL D 554 18.30 -3.28 -26.15
CA VAL D 554 17.04 -3.85 -26.66
C VAL D 554 15.88 -3.55 -25.70
N GLY D 555 16.14 -3.69 -24.41
CA GLY D 555 15.11 -3.41 -23.44
C GLY D 555 14.97 -1.90 -23.36
N GLY D 556 16.05 -1.21 -23.73
CA GLY D 556 16.07 0.25 -23.71
C GLY D 556 15.27 0.90 -24.84
N ARG D 557 15.16 0.20 -25.96
CA ARG D 557 14.39 0.74 -27.07
C ARG D 557 12.93 0.51 -26.71
N ALA D 558 12.65 -0.63 -26.07
CA ALA D 558 11.30 -1.00 -25.66
C ALA D 558 10.67 0.00 -24.71
N VAL D 559 11.49 0.69 -23.93
CA VAL D 559 10.97 1.70 -23.01
C VAL D 559 11.31 3.14 -23.42
N ASN D 560 11.55 3.34 -24.72
CA ASN D 560 11.86 4.64 -25.31
C ASN D 560 13.12 5.37 -24.87
N LEU D 561 14.13 4.64 -24.44
CA LEU D 561 15.35 5.32 -24.02
C LEU D 561 16.14 5.76 -25.22
N LEU D 562 15.73 5.28 -26.38
CA LEU D 562 16.41 5.61 -27.62
C LEU D 562 15.48 6.27 -28.64
N PRO D 563 16.02 7.19 -29.43
CA PRO D 563 15.24 7.89 -30.45
C PRO D 563 14.58 6.93 -31.45
N SER D 564 13.36 7.28 -31.84
CA SER D 564 12.57 6.51 -32.79
C SER D 564 11.52 7.48 -33.26
N GLU D 565 10.98 7.25 -34.44
CA GLU D 565 9.96 8.14 -34.97
C GLU D 565 8.61 7.68 -34.45
N THR D 566 8.61 6.49 -33.88
CA THR D 566 7.41 5.89 -33.33
C THR D 566 7.57 5.70 -31.82
N VAL D 567 6.45 5.72 -31.10
CA VAL D 567 6.48 5.52 -29.65
C VAL D 567 6.42 4.02 -29.35
N GLN D 568 7.39 3.53 -28.59
CA GLN D 568 7.44 2.11 -28.27
C GLN D 568 6.45 1.73 -27.16
N ASP D 569 5.87 0.54 -27.29
CA ASP D 569 4.93 0.03 -26.30
C ASP D 569 5.41 -1.32 -25.79
N ILE D 570 6.16 -1.31 -24.68
CA ILE D 570 6.67 -2.54 -24.10
C ILE D 570 5.62 -3.66 -24.01
N TYR D 571 4.38 -3.31 -23.68
CA TYR D 571 3.33 -4.33 -23.58
C TYR D 571 2.98 -4.89 -24.96
N GLY D 572 2.94 -4.00 -25.96
CA GLY D 572 2.65 -4.42 -27.33
C GLY D 572 3.82 -5.25 -27.81
N ILE D 573 5.04 -4.78 -27.53
CA ILE D 573 6.23 -5.51 -27.94
C ILE D 573 6.24 -6.93 -27.39
N VAL D 574 5.72 -7.10 -26.17
CA VAL D 574 5.67 -8.40 -25.52
C VAL D 574 4.54 -9.28 -26.04
N ALA D 575 3.38 -8.68 -26.24
CA ALA D 575 2.23 -9.43 -26.73
C ALA D 575 2.58 -9.99 -28.09
N LYS D 576 3.22 -9.14 -28.89
CA LYS D 576 3.64 -9.48 -30.24
C LYS D 576 4.50 -10.72 -30.22
N LYS D 577 5.48 -10.72 -29.31
CA LYS D 577 6.41 -11.82 -29.16
C LYS D 577 5.74 -13.10 -28.65
N VAL D 578 4.56 -12.92 -28.05
CA VAL D 578 3.78 -14.03 -27.51
C VAL D 578 3.09 -14.79 -28.62
N ASN D 579 2.67 -14.06 -29.65
CA ASN D 579 2.00 -14.67 -30.78
C ASN D 579 3.03 -15.40 -31.64
N GLU D 580 4.24 -14.86 -31.66
CA GLU D 580 5.34 -15.44 -32.40
C GLU D 580 5.50 -16.88 -31.88
N ILE D 581 5.37 -17.02 -30.56
CA ILE D 581 5.47 -18.31 -29.90
C ILE D 581 4.12 -19.00 -29.92
N LEU D 582 3.06 -18.21 -30.02
CA LEU D 582 1.72 -18.78 -30.04
C LEU D 582 1.54 -19.60 -31.33
N GLN D 583 2.21 -19.19 -32.41
CA GLN D 583 2.14 -19.89 -33.70
C GLN D 583 2.97 -21.16 -33.64
N ALA D 584 4.24 -20.98 -33.33
CA ALA D 584 5.20 -22.06 -33.23
C ALA D 584 4.67 -23.24 -32.40
N ASP D 585 3.61 -23.00 -31.63
CA ASP D 585 3.03 -24.05 -30.80
C ASP D 585 1.71 -24.60 -31.34
N ALA D 586 0.88 -23.72 -31.89
CA ALA D 586 -0.41 -24.14 -32.43
C ALA D 586 -0.26 -25.28 -33.45
N ILE D 587 0.88 -25.30 -34.14
CA ILE D 587 1.16 -26.32 -35.14
C ILE D 587 2.63 -26.72 -35.15
N ASN D 588 3.07 -27.36 -34.06
CA ASN D 588 4.45 -27.78 -33.92
C ASN D 588 4.77 -28.03 -32.44
N GLY D 589 3.73 -28.29 -31.64
CA GLY D 589 3.93 -28.51 -30.22
C GLY D 589 3.23 -29.73 -29.62
N THR D 590 3.19 -29.78 -28.31
CA THR D 590 2.58 -30.87 -27.55
C THR D 590 1.10 -31.15 -27.86
N ASP D 591 0.67 -32.37 -27.55
CA ASP D 591 -0.70 -32.78 -27.75
C ASP D 591 -1.24 -33.25 -26.41
N ASN D 592 -2.56 -33.43 -26.33
CA ASN D 592 -3.23 -33.87 -25.11
C ASN D 592 -2.58 -35.04 -24.38
N GLU D 593 -3.14 -35.37 -23.22
CA GLU D 593 -2.63 -36.46 -22.40
C GLU D 593 -3.70 -36.85 -21.38
N VAL D 594 -3.37 -37.78 -20.50
CA VAL D 594 -4.31 -38.24 -19.47
C VAL D 594 -3.61 -38.51 -18.14
N VAL D 595 -2.54 -37.77 -17.87
CA VAL D 595 -1.77 -37.92 -16.64
C VAL D 595 -1.10 -39.30 -16.54
N THR D 596 0.17 -39.30 -16.14
CA THR D 596 0.95 -40.53 -16.01
C THR D 596 1.41 -40.73 -14.55
N VAL D 597 2.69 -41.06 -14.36
CA VAL D 597 3.24 -41.27 -13.03
C VAL D 597 4.54 -40.47 -12.86
N THR D 598 4.55 -39.56 -11.89
CA THR D 598 5.69 -38.68 -11.57
C THR D 598 6.36 -38.09 -12.82
N ASP D 599 5.54 -37.45 -13.67
CA ASP D 599 6.00 -36.84 -14.91
C ASP D 599 6.51 -35.42 -14.74
N GLU D 600 5.60 -34.44 -14.71
CA GLU D 600 5.96 -33.03 -14.55
C GLU D 600 5.29 -32.40 -13.33
N ASN D 601 4.17 -32.98 -12.90
CA ASN D 601 3.41 -32.48 -11.75
C ASN D 601 3.85 -33.20 -10.46
N THR D 602 5.16 -33.30 -10.26
CA THR D 602 5.74 -33.96 -9.10
C THR D 602 5.26 -35.40 -8.90
N GLY D 603 4.07 -35.56 -8.32
CA GLY D 603 3.54 -36.91 -8.09
C GLY D 603 2.10 -36.94 -7.62
N GLU D 604 1.16 -36.81 -8.55
CA GLU D 604 -0.26 -36.84 -8.23
C GLU D 604 -0.79 -38.27 -8.31
N ILE D 605 -1.97 -38.51 -7.75
CA ILE D 605 -2.57 -39.84 -7.75
C ILE D 605 -3.94 -39.91 -8.45
N SER D 606 -3.93 -39.83 -9.78
CA SER D 606 -5.14 -39.90 -10.61
C SER D 606 -4.79 -39.64 -12.07
N GLU D 607 -5.74 -39.03 -12.79
CA GLU D 607 -5.54 -38.70 -14.20
C GLU D 607 -6.66 -37.88 -14.84
N LYS D 608 -6.24 -36.78 -15.49
CA LYS D 608 -7.15 -35.84 -16.15
C LYS D 608 -6.73 -35.65 -17.62
N VAL D 609 -7.03 -34.49 -18.19
CA VAL D 609 -6.67 -34.18 -19.56
C VAL D 609 -5.59 -33.10 -19.60
N LYS D 610 -4.35 -33.48 -19.31
CA LYS D 610 -3.26 -32.52 -19.32
C LYS D 610 -3.05 -32.02 -20.75
N LEU D 611 -3.65 -30.87 -21.05
CA LEU D 611 -3.54 -30.26 -22.37
C LEU D 611 -2.10 -29.93 -22.77
N GLY D 612 -1.84 -29.99 -24.07
CA GLY D 612 -0.51 -29.70 -24.57
C GLY D 612 -0.50 -28.37 -25.29
N THR D 613 0.69 -27.79 -25.40
CA THR D 613 0.90 -26.49 -26.05
C THR D 613 0.04 -26.25 -27.27
N LYS D 614 -0.07 -27.24 -28.16
CA LYS D 614 -0.88 -27.08 -29.36
C LYS D 614 -2.34 -26.88 -28.97
N ALA D 615 -2.78 -27.59 -27.93
CA ALA D 615 -4.15 -27.48 -27.45
C ALA D 615 -4.37 -26.07 -26.93
N LEU D 616 -3.44 -25.62 -26.09
CA LEU D 616 -3.49 -24.29 -25.49
C LEU D 616 -3.28 -23.17 -26.52
N ALA D 617 -2.18 -23.22 -27.25
CA ALA D 617 -1.89 -22.21 -28.25
C ALA D 617 -3.09 -22.01 -29.17
N GLY D 618 -3.99 -23.00 -29.20
CA GLY D 618 -5.17 -22.91 -30.04
C GLY D 618 -6.23 -21.99 -29.47
N GLN D 619 -6.57 -22.19 -28.20
CA GLN D 619 -7.59 -21.40 -27.52
C GLN D 619 -7.25 -19.92 -27.42
N TRP D 620 -5.98 -19.63 -27.15
CA TRP D 620 -5.52 -18.25 -27.01
C TRP D 620 -5.67 -17.48 -28.32
N LEU D 621 -5.18 -18.08 -29.40
CA LEU D 621 -5.28 -17.48 -30.73
C LEU D 621 -6.78 -17.37 -31.01
N ALA D 622 -7.54 -18.37 -30.56
CA ALA D 622 -8.99 -18.38 -30.74
C ALA D 622 -9.63 -17.37 -29.77
N TYR D 623 -8.81 -16.46 -29.25
CA TYR D 623 -9.28 -15.44 -28.32
C TYR D 623 -8.89 -14.03 -28.76
N GLY D 624 -7.66 -13.90 -29.26
CA GLY D 624 -7.15 -12.62 -29.71
C GLY D 624 -6.30 -11.96 -28.64
N VAL D 625 -5.08 -12.48 -28.44
CA VAL D 625 -4.16 -11.96 -27.43
C VAL D 625 -3.49 -10.63 -27.81
N THR D 626 -3.90 -9.55 -27.15
CA THR D 626 -3.34 -8.23 -27.42
C THR D 626 -2.55 -7.69 -26.22
N ARG D 627 -2.20 -6.41 -26.29
CA ARG D 627 -1.44 -5.72 -25.25
C ARG D 627 -2.11 -5.81 -23.88
N SER D 628 -3.42 -5.70 -23.86
CA SER D 628 -4.19 -5.75 -22.61
C SER D 628 -4.03 -7.06 -21.83
N VAL D 629 -3.59 -8.12 -22.49
CA VAL D 629 -3.42 -9.39 -21.80
C VAL D 629 -2.08 -9.37 -21.07
N THR D 630 -1.14 -8.58 -21.58
CA THR D 630 0.19 -8.52 -20.98
C THR D 630 0.46 -7.28 -20.10
N LYS D 631 -0.34 -6.22 -20.30
CA LYS D 631 -0.20 -4.96 -19.57
C LYS D 631 0.17 -5.15 -18.08
N ARG D 632 -0.75 -5.76 -17.35
CA ARG D 632 -0.63 -6.04 -15.92
C ARG D 632 0.72 -6.67 -15.49
N SER D 633 1.08 -7.77 -16.14
CA SER D 633 2.29 -8.52 -15.85
C SER D 633 3.61 -7.77 -16.00
N VAL D 634 3.73 -6.96 -17.05
CA VAL D 634 4.96 -6.20 -17.27
C VAL D 634 5.07 -5.07 -16.23
N MET D 635 3.92 -4.53 -15.85
CA MET D 635 3.90 -3.46 -14.85
C MET D 635 4.45 -3.95 -13.52
N THR D 636 4.03 -5.14 -13.08
CA THR D 636 4.51 -5.69 -11.80
C THR D 636 5.82 -6.44 -11.82
N LEU D 637 6.44 -6.52 -12.98
CA LEU D 637 7.70 -7.22 -13.10
C LEU D 637 8.71 -6.64 -12.11
N ALA D 638 8.77 -5.31 -12.06
CA ALA D 638 9.69 -4.58 -11.19
C ALA D 638 9.40 -4.76 -9.70
N TYR D 639 8.25 -5.32 -9.38
CA TYR D 639 7.90 -5.56 -7.98
C TYR D 639 8.20 -7.02 -7.66
N GLY D 640 8.90 -7.70 -8.56
CA GLY D 640 9.26 -9.09 -8.36
C GLY D 640 8.26 -10.10 -8.89
N SER D 641 7.20 -9.64 -9.54
CA SER D 641 6.21 -10.56 -10.06
C SER D 641 6.79 -11.54 -11.07
N LYS D 642 6.57 -12.82 -10.82
CA LYS D 642 7.08 -13.85 -11.71
C LYS D 642 5.99 -14.69 -12.38
N GLU D 643 6.39 -15.83 -12.91
CA GLU D 643 5.47 -16.74 -13.60
C GLU D 643 4.25 -17.12 -12.77
N PHE D 644 4.44 -17.49 -11.51
CA PHE D 644 3.29 -17.84 -10.69
C PHE D 644 2.35 -16.63 -10.65
N GLY D 645 2.91 -15.48 -10.30
CA GLY D 645 2.14 -14.25 -10.22
C GLY D 645 1.29 -13.98 -11.45
N PHE D 646 1.88 -14.18 -12.63
CA PHE D 646 1.16 -13.95 -13.88
C PHE D 646 -0.03 -14.89 -14.00
N ARG D 647 0.13 -16.13 -13.56
CA ARG D 647 -0.96 -17.10 -13.64
C ARG D 647 -2.17 -16.46 -12.95
N GLN D 648 -1.92 -15.71 -11.90
CA GLN D 648 -2.99 -15.07 -11.16
C GLN D 648 -3.58 -13.90 -11.91
N GLN D 649 -2.72 -13.06 -12.47
CA GLN D 649 -3.15 -11.88 -13.22
C GLN D 649 -3.98 -12.21 -14.44
N VAL D 650 -3.43 -13.05 -15.31
CA VAL D 650 -4.12 -13.44 -16.54
C VAL D 650 -5.49 -14.04 -16.25
N LEU D 651 -5.53 -14.90 -15.23
CA LEU D 651 -6.76 -15.57 -14.82
C LEU D 651 -7.77 -14.53 -14.38
N GLU D 652 -7.41 -13.76 -13.36
CA GLU D 652 -8.29 -12.74 -12.84
C GLU D 652 -8.57 -11.58 -13.79
N ASP D 653 -7.53 -11.06 -14.44
CA ASP D 653 -7.66 -9.93 -15.37
C ASP D 653 -8.29 -10.27 -16.70
N THR D 654 -7.90 -11.40 -17.28
CA THR D 654 -8.40 -11.76 -18.60
C THR D 654 -9.48 -12.83 -18.68
N ILE D 655 -9.15 -14.05 -18.25
CA ILE D 655 -10.11 -15.14 -18.31
C ILE D 655 -11.38 -14.87 -17.49
N GLN D 656 -11.39 -15.30 -16.24
CA GLN D 656 -12.55 -15.10 -15.37
C GLN D 656 -13.48 -14.00 -15.88
N PRO D 657 -12.99 -12.75 -15.95
CA PRO D 657 -13.84 -11.65 -16.42
C PRO D 657 -14.52 -11.88 -17.78
N ALA D 658 -13.88 -12.66 -18.63
CA ALA D 658 -14.42 -12.97 -19.96
C ALA D 658 -15.35 -14.18 -19.87
N ILE D 659 -15.01 -15.13 -19.01
CA ILE D 659 -15.83 -16.32 -18.80
C ILE D 659 -17.15 -15.88 -18.19
N ASP D 660 -17.06 -14.94 -17.27
CA ASP D 660 -18.24 -14.41 -16.59
C ASP D 660 -19.02 -13.53 -17.56
N SER D 661 -18.32 -12.95 -18.53
CA SER D 661 -18.98 -12.10 -19.52
C SER D 661 -19.60 -13.01 -20.60
N GLY D 662 -19.57 -14.32 -20.33
CA GLY D 662 -20.12 -15.31 -21.24
C GLY D 662 -19.49 -15.36 -22.62
N LYS D 663 -18.76 -14.30 -22.99
CA LYS D 663 -18.13 -14.22 -24.31
C LYS D 663 -16.70 -14.78 -24.36
N GLY D 664 -16.56 -16.06 -24.03
CA GLY D 664 -15.25 -16.68 -24.07
C GLY D 664 -15.30 -18.15 -23.72
N LEU D 665 -15.37 -19.02 -24.73
CA LEU D 665 -15.43 -20.45 -24.47
C LEU D 665 -14.19 -21.21 -24.95
N MET D 666 -13.20 -20.48 -25.49
CA MET D 666 -11.97 -21.09 -25.96
C MET D 666 -11.41 -21.91 -24.81
N PHE D 667 -11.58 -21.38 -23.60
CA PHE D 667 -11.08 -22.00 -22.39
C PHE D 667 -12.06 -23.00 -21.77
N THR D 668 -11.57 -24.20 -21.53
CA THR D 668 -12.35 -25.28 -20.93
C THR D 668 -11.76 -25.50 -19.54
N GLN D 669 -10.43 -25.67 -19.50
CA GLN D 669 -9.70 -25.81 -18.24
C GLN D 669 -8.82 -24.56 -18.18
N PRO D 670 -9.37 -23.48 -17.61
CA PRO D 670 -8.69 -22.18 -17.46
C PRO D 670 -7.37 -22.18 -16.70
N ASN D 671 -7.25 -22.99 -15.65
CA ASN D 671 -6.03 -23.03 -14.85
C ASN D 671 -4.82 -23.53 -15.66
N GLN D 672 -5.09 -24.42 -16.60
CA GLN D 672 -4.06 -24.99 -17.46
C GLN D 672 -3.73 -23.94 -18.53
N ALA D 673 -4.78 -23.27 -19.00
CA ALA D 673 -4.67 -22.21 -20.00
C ALA D 673 -3.80 -21.06 -19.50
N ALA D 674 -3.97 -20.69 -18.24
CA ALA D 674 -3.20 -19.61 -17.66
C ALA D 674 -1.75 -19.99 -17.40
N GLY D 675 -1.51 -21.21 -16.93
CA GLY D 675 -0.14 -21.65 -16.69
C GLY D 675 0.72 -21.51 -17.93
N TYR D 676 0.11 -21.83 -19.08
CA TYR D 676 0.79 -21.75 -20.38
C TYR D 676 1.03 -20.27 -20.71
N MET D 677 -0.05 -19.50 -20.84
CA MET D 677 0.07 -18.08 -21.13
C MET D 677 1.08 -17.44 -20.19
N ALA D 678 0.90 -17.65 -18.89
CA ALA D 678 1.82 -17.10 -17.90
C ALA D 678 3.24 -17.53 -18.25
N LYS D 679 3.38 -18.70 -18.86
CA LYS D 679 4.69 -19.21 -19.24
C LYS D 679 5.20 -18.44 -20.44
N LEU D 680 4.31 -18.17 -21.39
CA LEU D 680 4.68 -17.46 -22.58
C LEU D 680 5.05 -16.01 -22.28
N ILE D 681 4.26 -15.36 -21.44
CA ILE D 681 4.57 -13.97 -21.13
C ILE D 681 5.95 -13.93 -20.48
N TRP D 682 6.22 -14.89 -19.60
CA TRP D 682 7.51 -14.91 -18.93
C TRP D 682 8.67 -15.07 -19.90
N GLU D 683 8.51 -15.97 -20.85
CA GLU D 683 9.55 -16.23 -21.83
C GLU D 683 9.92 -14.97 -22.60
N SER D 684 8.93 -14.45 -23.34
CA SER D 684 9.11 -13.26 -24.16
C SER D 684 9.63 -12.05 -23.39
N VAL D 685 8.99 -11.73 -22.29
CA VAL D 685 9.46 -10.58 -21.54
C VAL D 685 10.89 -10.89 -21.09
N SER D 686 11.19 -12.17 -20.96
CA SER D 686 12.51 -12.57 -20.51
C SER D 686 13.58 -12.35 -21.60
N VAL D 687 13.15 -12.06 -22.81
CA VAL D 687 14.08 -11.83 -23.92
C VAL D 687 13.95 -10.37 -24.32
N THR D 688 12.80 -9.79 -24.03
CA THR D 688 12.56 -8.38 -24.38
C THR D 688 13.47 -7.49 -23.53
N VAL D 689 13.40 -7.71 -22.24
CA VAL D 689 14.16 -6.94 -21.27
C VAL D 689 15.02 -7.88 -20.45
N VAL D 690 16.25 -8.06 -20.87
CA VAL D 690 17.17 -8.93 -20.16
C VAL D 690 17.87 -8.18 -19.04
N ALA D 691 18.34 -6.95 -19.29
CA ALA D 691 19.03 -6.19 -18.24
C ALA D 691 18.19 -6.20 -16.96
N ALA D 692 16.88 -6.03 -17.11
CA ALA D 692 15.98 -6.03 -15.97
C ALA D 692 16.06 -7.38 -15.25
N VAL D 693 15.56 -8.42 -15.90
CA VAL D 693 15.57 -9.79 -15.35
C VAL D 693 16.92 -10.19 -14.73
N GLU D 694 17.97 -9.94 -15.49
CA GLU D 694 19.33 -10.24 -15.13
C GLU D 694 19.82 -9.45 -13.93
N ALA D 695 19.57 -8.15 -13.91
CA ALA D 695 20.00 -7.33 -12.79
C ALA D 695 19.19 -7.66 -11.55
N MET D 696 17.98 -8.17 -11.76
CA MET D 696 17.12 -8.53 -10.63
C MET D 696 17.61 -9.82 -9.99
N ASN D 697 17.93 -10.83 -10.78
CA ASN D 697 18.41 -12.07 -10.18
C ASN D 697 19.69 -11.78 -9.40
N TRP D 698 20.58 -10.98 -9.99
CA TRP D 698 21.83 -10.65 -9.33
C TRP D 698 21.59 -10.02 -7.96
N LEU D 699 20.72 -9.02 -7.95
CA LEU D 699 20.41 -8.33 -6.70
C LEU D 699 19.88 -9.29 -5.66
N LYS D 700 19.06 -10.25 -6.10
CA LYS D 700 18.48 -11.24 -5.18
C LYS D 700 19.51 -12.22 -4.61
N SER D 701 20.52 -12.57 -5.39
CA SER D 701 21.55 -13.49 -4.91
C SER D 701 22.34 -12.78 -3.82
N ALA D 702 22.77 -11.56 -4.11
CA ALA D 702 23.52 -10.78 -3.14
C ALA D 702 22.73 -10.71 -1.83
N ALA D 703 21.44 -10.39 -1.93
CA ALA D 703 20.62 -10.30 -0.73
C ALA D 703 20.52 -11.65 -0.04
N LYS D 704 20.28 -12.70 -0.84
CA LYS D 704 20.17 -14.04 -0.30
C LYS D 704 21.39 -14.44 0.53
N LEU D 705 22.58 -14.18 0.01
CA LEU D 705 23.82 -14.52 0.70
C LEU D 705 24.11 -13.78 1.99
N LEU D 706 23.80 -12.48 2.03
CA LEU D 706 24.04 -11.68 3.24
C LEU D 706 23.05 -12.00 4.37
N ALA D 707 21.88 -12.49 4.00
CA ALA D 707 20.85 -12.81 4.98
C ALA D 707 21.03 -14.23 5.47
N ALA D 708 21.82 -15.01 4.76
CA ALA D 708 22.07 -16.39 5.13
C ALA D 708 22.82 -16.45 6.46
N GLU D 709 22.50 -17.48 7.24
CA GLU D 709 23.15 -17.70 8.53
C GLU D 709 24.16 -18.78 8.21
N VAL D 710 25.43 -18.43 8.08
CA VAL D 710 26.45 -19.43 7.76
C VAL D 710 27.00 -20.19 8.96
N LYS D 711 26.66 -21.47 9.01
CA LYS D 711 27.09 -22.36 10.08
C LYS D 711 28.09 -23.34 9.47
N ASP D 712 29.21 -23.56 10.16
CA ASP D 712 30.20 -24.51 9.67
C ASP D 712 29.52 -25.87 9.62
N LYS D 713 29.70 -26.59 8.52
CA LYS D 713 29.07 -27.90 8.35
C LYS D 713 29.62 -28.97 9.31
N LYS D 714 30.76 -28.66 9.92
CA LYS D 714 31.42 -29.55 10.87
C LYS D 714 30.96 -29.31 12.33
N THR D 715 31.43 -28.20 12.90
CA THR D 715 31.13 -27.82 14.29
C THR D 715 29.71 -27.33 14.55
N GLY D 716 29.05 -26.82 13.51
CA GLY D 716 27.69 -26.33 13.67
C GLY D 716 27.66 -24.93 14.26
N GLU D 717 28.82 -24.29 14.34
CA GLU D 717 28.87 -22.95 14.89
C GLU D 717 28.67 -21.97 13.76
N ILE D 718 28.09 -20.83 14.11
CA ILE D 718 27.85 -19.79 13.14
C ILE D 718 29.13 -19.03 12.87
N LEU D 719 29.57 -19.08 11.62
CA LEU D 719 30.78 -18.38 11.22
C LEU D 719 30.44 -16.92 10.96
N ARG D 720 29.28 -16.69 10.34
CA ARG D 720 28.80 -15.33 10.06
C ARG D 720 27.28 -15.24 10.21
N LYS D 721 26.83 -14.26 11.00
CA LYS D 721 25.41 -14.04 11.24
C LYS D 721 24.69 -13.41 10.03
N ARG D 722 23.36 -13.46 10.06
CA ARG D 722 22.56 -12.88 9.00
C ARG D 722 22.87 -11.38 8.93
N CYS D 723 22.92 -10.82 7.73
CA CYS D 723 23.23 -9.41 7.55
C CYS D 723 22.16 -8.60 6.84
N ALA D 724 22.15 -7.30 7.14
CA ALA D 724 21.23 -6.38 6.51
C ALA D 724 21.93 -5.93 5.23
N VAL D 725 21.20 -5.24 4.37
CA VAL D 725 21.75 -4.78 3.12
C VAL D 725 21.73 -3.25 3.08
N HIS D 726 22.85 -2.67 2.70
CA HIS D 726 22.98 -1.23 2.66
C HIS D 726 23.61 -0.77 1.35
N TRP D 727 23.31 0.46 0.94
CA TRP D 727 23.88 1.04 -0.27
C TRP D 727 23.64 2.55 -0.30
N VAL D 728 24.36 3.26 -1.15
CA VAL D 728 24.12 4.70 -1.21
C VAL D 728 23.69 5.06 -2.63
N THR D 729 22.70 5.94 -2.74
CA THR D 729 22.25 6.35 -4.07
C THR D 729 23.27 7.36 -4.59
N PRO D 730 23.35 7.50 -5.92
CA PRO D 730 24.29 8.42 -6.56
C PRO D 730 24.28 9.88 -6.05
N ASP D 731 23.19 10.31 -5.42
CA ASP D 731 23.17 11.67 -4.92
C ASP D 731 23.51 11.68 -3.43
N GLY D 732 24.06 10.55 -2.97
CA GLY D 732 24.48 10.43 -1.57
C GLY D 732 23.49 9.97 -0.52
N PHE D 733 22.32 9.50 -0.91
CA PHE D 733 21.33 9.03 0.05
C PHE D 733 21.58 7.57 0.45
N PRO D 734 21.82 7.29 1.75
CA PRO D 734 22.06 5.90 2.15
C PRO D 734 20.77 5.14 2.46
N VAL D 735 20.76 3.85 2.13
CA VAL D 735 19.58 3.03 2.34
C VAL D 735 19.98 1.74 3.02
N TRP D 736 19.20 1.35 4.03
CA TRP D 736 19.48 0.13 4.77
C TRP D 736 18.27 -0.77 4.71
N GLN D 737 18.38 -1.92 4.06
CA GLN D 737 17.25 -2.81 4.01
C GLN D 737 17.46 -3.89 5.06
N GLU D 738 16.61 -3.89 6.07
CA GLU D 738 16.72 -4.90 7.11
C GLU D 738 15.35 -5.29 7.60
N TYR D 739 14.69 -6.18 6.86
CA TYR D 739 13.40 -6.64 7.29
C TYR D 739 13.68 -7.57 8.44
N LYS D 740 12.76 -7.59 9.40
CA LYS D 740 12.94 -8.45 10.56
C LYS D 740 11.76 -9.35 10.80
N LYS D 741 12.02 -10.53 11.35
CA LYS D 741 10.95 -11.48 11.65
C LYS D 741 10.24 -11.04 12.92
N PRO D 742 8.95 -11.42 13.07
CA PRO D 742 8.14 -11.06 14.23
C PRO D 742 8.81 -11.34 15.57
N ILE D 743 8.76 -10.35 16.45
CA ILE D 743 9.34 -10.46 17.77
C ILE D 743 8.60 -11.54 18.58
N GLN D 744 7.30 -11.34 18.78
CA GLN D 744 6.47 -12.27 19.55
C GLN D 744 5.75 -13.31 18.70
N THR D 745 5.12 -14.27 19.39
CA THR D 745 4.37 -15.35 18.74
C THR D 745 2.97 -14.85 18.38
N ARG D 746 2.53 -15.14 17.16
CA ARG D 746 1.21 -14.71 16.68
C ARG D 746 0.20 -15.83 16.76
N LEU D 747 -0.80 -15.66 17.63
CA LEU D 747 -1.86 -16.64 17.81
C LEU D 747 -3.13 -16.08 17.19
N ASN D 748 -3.73 -16.83 16.29
CA ASN D 748 -4.94 -16.36 15.63
C ASN D 748 -6.16 -17.18 16.05
N LEU D 749 -7.20 -16.49 16.51
CA LEU D 749 -8.42 -17.17 16.90
C LEU D 749 -9.38 -17.24 15.73
N MET D 750 -10.25 -18.25 15.75
CA MET D 750 -11.20 -18.44 14.68
C MET D 750 -12.01 -17.18 14.40
N PHE D 751 -12.75 -16.72 15.41
CA PHE D 751 -13.60 -15.55 15.25
C PHE D 751 -13.09 -14.28 15.93
N LEU D 752 -12.44 -14.43 17.07
CA LEU D 752 -11.94 -13.27 17.80
C LEU D 752 -10.56 -12.81 17.37
N GLY D 753 -10.25 -12.98 16.08
CA GLY D 753 -8.98 -12.54 15.55
C GLY D 753 -7.71 -12.96 16.26
N GLN D 754 -6.62 -12.27 15.95
CA GLN D 754 -5.32 -12.60 16.51
C GLN D 754 -4.78 -11.70 17.63
N PHE D 755 -3.75 -12.20 18.30
CA PHE D 755 -3.10 -11.48 19.40
C PHE D 755 -1.70 -12.04 19.56
N ARG D 756 -0.75 -11.18 19.91
CA ARG D 756 0.63 -11.60 20.09
C ARG D 756 0.83 -12.22 21.47
N LEU D 757 2.09 -12.56 21.78
CA LEU D 757 2.41 -13.18 23.05
C LEU D 757 3.91 -13.37 23.19
N GLN D 758 4.44 -13.09 24.39
CA GLN D 758 5.87 -13.24 24.65
C GLN D 758 6.40 -14.59 24.21
N PRO D 759 7.70 -14.64 23.87
CA PRO D 759 8.42 -15.84 23.41
C PRO D 759 8.54 -16.93 24.48
N THR D 760 8.11 -18.14 24.14
CA THR D 760 8.18 -19.28 25.05
C THR D 760 9.65 -19.55 25.42
N ILE D 761 10.53 -19.36 24.44
CA ILE D 761 11.95 -19.59 24.63
C ILE D 761 12.73 -18.32 24.93
N ASN D 762 13.33 -18.29 26.11
CA ASN D 762 14.13 -17.14 26.53
C ASN D 762 15.28 -16.88 25.56
N THR D 763 15.98 -17.94 25.16
CA THR D 763 17.10 -17.84 24.23
C THR D 763 16.64 -17.48 22.81
N ASN D 764 15.77 -16.47 22.72
CA ASN D 764 15.25 -16.01 21.45
C ASN D 764 15.13 -14.48 21.49
N LYS D 765 16.23 -13.82 21.85
CA LYS D 765 16.27 -12.35 21.93
C LYS D 765 16.73 -11.77 20.60
N ASP D 766 17.93 -11.19 20.59
CA ASP D 766 18.49 -10.61 19.37
C ASP D 766 17.54 -9.62 18.67
N SER D 767 16.84 -10.14 17.66
CA SER D 767 15.89 -9.37 16.86
C SER D 767 15.46 -10.29 15.71
N GLU D 768 16.46 -10.74 14.98
CA GLU D 768 16.32 -11.67 13.86
C GLU D 768 15.87 -11.08 12.53
N ILE D 769 16.76 -11.17 11.55
CA ILE D 769 16.48 -10.68 10.21
C ILE D 769 15.55 -11.67 9.52
N ASP D 770 14.82 -11.19 8.51
CA ASP D 770 13.91 -12.03 7.73
C ASP D 770 14.51 -12.20 6.35
N ALA D 771 15.26 -13.28 6.18
CA ALA D 771 15.94 -13.59 4.92
C ALA D 771 15.05 -13.69 3.69
N HIS D 772 13.82 -14.12 3.89
CA HIS D 772 12.90 -14.26 2.77
C HIS D 772 12.44 -12.88 2.32
N LYS D 773 12.23 -12.01 3.29
CA LYS D 773 11.78 -10.66 3.05
C LYS D 773 12.94 -9.83 2.44
N GLN D 774 14.18 -10.19 2.77
CA GLN D 774 15.32 -9.48 2.24
C GLN D 774 15.41 -9.71 0.72
N GLU D 775 15.11 -10.94 0.31
CA GLU D 775 15.16 -11.32 -1.10
C GLU D 775 14.04 -10.79 -1.98
N SER D 776 12.81 -10.77 -1.50
CA SER D 776 11.71 -10.27 -2.31
C SER D 776 11.62 -8.74 -2.28
N GLY D 777 12.46 -8.09 -1.49
CA GLY D 777 12.39 -6.66 -1.42
C GLY D 777 13.52 -5.93 -2.12
N ILE D 778 14.73 -6.45 -1.97
CA ILE D 778 15.92 -5.82 -2.55
C ILE D 778 15.82 -5.26 -3.98
N ALA D 779 15.34 -6.04 -4.94
CA ALA D 779 15.27 -5.54 -6.30
C ALA D 779 14.32 -4.34 -6.44
N PRO D 780 13.04 -4.49 -6.04
CA PRO D 780 12.24 -3.26 -6.21
C PRO D 780 12.76 -2.10 -5.37
N ASN D 781 13.23 -2.41 -4.17
CA ASN D 781 13.71 -1.35 -3.28
C ASN D 781 14.92 -0.65 -3.82
N PHE D 782 15.79 -1.42 -4.47
CA PHE D 782 16.99 -0.82 -5.02
C PHE D 782 16.61 0.11 -6.15
N VAL D 783 15.71 -0.37 -7.03
CA VAL D 783 15.29 0.43 -8.17
C VAL D 783 14.58 1.69 -7.75
N HIS D 784 13.73 1.57 -6.73
CA HIS D 784 12.99 2.73 -6.29
C HIS D 784 13.99 3.74 -5.78
N SER D 785 14.99 3.29 -5.04
CA SER D 785 15.95 4.25 -4.52
C SER D 785 16.70 4.95 -5.65
N GLN D 786 16.78 4.29 -6.81
CA GLN D 786 17.47 4.89 -7.93
C GLN D 786 16.55 5.95 -8.52
N ASP D 787 15.29 5.59 -8.70
CA ASP D 787 14.31 6.54 -9.24
C ASP D 787 14.34 7.82 -8.39
N GLY D 788 14.25 7.64 -7.08
CA GLY D 788 14.27 8.78 -6.17
C GLY D 788 15.48 9.64 -6.40
N SER D 789 16.66 9.04 -6.29
CA SER D 789 17.89 9.79 -6.50
C SER D 789 17.78 10.55 -7.83
N HIS D 790 17.21 9.91 -8.84
CA HIS D 790 17.08 10.56 -10.13
C HIS D 790 16.19 11.79 -10.03
N LEU D 791 15.07 11.65 -9.32
CA LEU D 791 14.15 12.76 -9.13
C LEU D 791 14.87 13.89 -8.40
N ARG D 792 15.49 13.57 -7.27
CA ARG D 792 16.22 14.58 -6.50
C ARG D 792 17.27 15.29 -7.34
N LYS D 793 18.09 14.53 -8.06
CA LYS D 793 19.11 15.14 -8.90
C LYS D 793 18.46 16.06 -9.90
N THR D 794 17.42 15.58 -10.56
CA THR D 794 16.73 16.37 -11.56
C THR D 794 16.28 17.72 -10.99
N VAL D 795 15.66 17.70 -9.82
CA VAL D 795 15.20 18.92 -9.20
C VAL D 795 16.34 19.90 -8.94
N VAL D 796 17.39 19.41 -8.32
CA VAL D 796 18.51 20.29 -8.06
C VAL D 796 19.13 20.78 -9.38
N TRP D 797 19.19 19.91 -10.36
CA TRP D 797 19.79 20.25 -11.64
C TRP D 797 19.00 21.41 -12.25
N ALA D 798 17.70 21.19 -12.41
CA ALA D 798 16.82 22.17 -12.99
C ALA D 798 16.87 23.52 -12.27
N HIS D 799 16.88 23.47 -10.95
CA HIS D 799 16.92 24.70 -10.18
C HIS D 799 18.22 25.47 -10.30
N GLU D 800 19.34 24.76 -10.43
CA GLU D 800 20.64 25.43 -10.49
C GLU D 800 21.12 25.79 -11.88
N LYS D 801 20.93 24.89 -12.83
CA LYS D 801 21.37 25.14 -14.18
C LYS D 801 20.38 25.98 -14.98
N TYR D 802 19.10 25.91 -14.64
CA TYR D 802 18.08 26.68 -15.38
C TYR D 802 17.28 27.67 -14.57
N GLY D 803 17.31 27.58 -13.25
CA GLY D 803 16.55 28.53 -12.46
C GLY D 803 15.08 28.24 -12.30
N ILE D 804 14.66 27.01 -12.52
CA ILE D 804 13.26 26.65 -12.34
C ILE D 804 12.95 26.61 -10.85
N GLU D 805 11.77 27.06 -10.44
CA GLU D 805 11.46 27.04 -9.00
C GLU D 805 10.18 26.31 -8.61
N SER D 806 9.38 25.92 -9.59
CA SER D 806 8.16 25.21 -9.28
C SER D 806 8.22 23.77 -9.80
N PHE D 807 8.02 22.82 -8.90
CA PHE D 807 8.04 21.42 -9.27
C PHE D 807 6.87 20.58 -8.77
N ALA D 808 6.21 19.86 -9.67
CA ALA D 808 5.14 18.93 -9.29
C ALA D 808 5.85 17.59 -9.35
N LEU D 809 5.89 16.83 -8.26
CA LEU D 809 6.64 15.59 -8.30
C LEU D 809 5.89 14.35 -7.90
N ILE D 810 5.88 13.35 -8.78
CA ILE D 810 5.18 12.10 -8.49
C ILE D 810 6.05 10.86 -8.74
N HIS D 811 7.20 10.81 -8.09
CA HIS D 811 8.15 9.70 -8.18
C HIS D 811 8.86 9.62 -9.54
N ASP D 812 8.09 9.37 -10.60
CA ASP D 812 8.67 9.25 -11.93
C ASP D 812 7.97 10.20 -12.90
N SER D 813 7.31 11.22 -12.36
CA SER D 813 6.61 12.22 -13.15
C SER D 813 7.11 13.56 -12.65
N PHE D 814 7.65 14.35 -13.56
CA PHE D 814 8.20 15.67 -13.25
C PHE D 814 7.37 16.71 -13.99
N GLY D 815 6.99 17.77 -13.30
CA GLY D 815 6.21 18.81 -13.96
C GLY D 815 6.58 20.23 -13.55
N THR D 816 6.27 21.18 -14.46
CA THR D 816 6.48 22.60 -14.21
C THR D 816 5.41 23.39 -14.92
N ILE D 817 5.63 24.68 -14.98
CA ILE D 817 4.74 25.59 -15.64
C ILE D 817 5.16 25.58 -17.10
N PRO D 818 4.20 25.79 -18.02
CA PRO D 818 4.51 25.79 -19.45
C PRO D 818 5.80 26.52 -19.82
N ALA D 819 5.98 27.73 -19.29
CA ALA D 819 7.16 28.49 -19.63
C ALA D 819 8.45 27.80 -19.22
N ASP D 820 8.38 26.78 -18.37
CA ASP D 820 9.59 26.10 -17.91
C ASP D 820 9.77 24.66 -18.40
N ALA D 821 8.75 24.09 -19.02
CA ALA D 821 8.80 22.70 -19.49
C ALA D 821 9.91 22.29 -20.47
N ALA D 822 10.36 23.21 -21.30
CA ALA D 822 11.39 22.87 -22.27
C ALA D 822 12.68 22.57 -21.55
N ASN D 823 12.94 23.32 -20.47
CA ASN D 823 14.15 23.11 -19.70
C ASN D 823 14.07 21.92 -18.75
N LEU D 824 12.88 21.47 -18.41
CA LEU D 824 12.75 20.33 -17.53
C LEU D 824 12.87 19.10 -18.41
N PHE D 825 12.28 19.19 -19.60
CA PHE D 825 12.31 18.11 -20.59
C PHE D 825 13.78 17.81 -20.80
N LYS D 826 14.58 18.87 -20.85
CA LYS D 826 16.02 18.75 -21.04
C LYS D 826 16.66 18.13 -19.79
N ALA D 827 16.61 18.87 -18.68
CA ALA D 827 17.16 18.45 -17.41
C ALA D 827 16.94 16.98 -17.02
N VAL D 828 15.70 16.51 -17.15
CA VAL D 828 15.40 15.14 -16.77
C VAL D 828 16.24 14.12 -17.54
N ARG D 829 16.55 14.42 -18.79
CA ARG D 829 17.34 13.50 -19.60
C ARG D 829 18.84 13.65 -19.31
N GLU D 830 19.30 14.86 -19.02
CA GLU D 830 20.72 15.12 -18.75
C GLU D 830 21.17 14.49 -17.44
N THR D 831 20.24 14.35 -16.50
CA THR D 831 20.59 13.77 -15.23
C THR D 831 20.59 12.24 -15.35
N MET D 832 19.62 11.69 -16.07
CA MET D 832 19.59 10.24 -16.23
C MET D 832 20.99 9.88 -16.77
N VAL D 833 21.35 10.59 -17.83
CA VAL D 833 22.63 10.44 -18.52
C VAL D 833 23.88 10.72 -17.70
N ASP D 834 23.93 11.86 -17.05
CA ASP D 834 25.11 12.17 -16.28
C ASP D 834 25.39 11.15 -15.20
N THR D 835 24.32 10.79 -14.50
CA THR D 835 24.36 9.83 -13.41
C THR D 835 24.91 8.47 -13.81
N TYR D 836 24.28 7.84 -14.79
CA TYR D 836 24.73 6.54 -15.22
C TYR D 836 26.05 6.56 -15.96
N GLU D 837 26.43 7.74 -16.42
CA GLU D 837 27.69 7.91 -17.14
C GLU D 837 28.80 8.06 -16.10
N SER D 838 28.45 8.55 -14.92
CA SER D 838 29.43 8.80 -13.86
C SER D 838 29.64 7.70 -12.82
N CYS D 839 28.90 6.61 -12.93
CA CYS D 839 29.05 5.54 -11.96
C CYS D 839 28.20 4.32 -12.19
N ASP D 840 28.78 3.16 -11.86
CA ASP D 840 28.11 1.88 -12.00
C ASP D 840 27.45 1.49 -10.68
N VAL D 841 26.12 1.58 -10.65
CA VAL D 841 25.36 1.27 -9.46
C VAL D 841 25.50 -0.17 -8.93
N LEU D 842 25.49 -1.16 -9.82
CA LEU D 842 25.61 -2.55 -9.37
C LEU D 842 27.02 -2.86 -8.84
N ALA D 843 28.05 -2.47 -9.58
CA ALA D 843 29.41 -2.70 -9.14
C ALA D 843 29.70 -1.90 -7.88
N ASP D 844 28.98 -0.79 -7.72
CA ASP D 844 29.16 0.05 -6.56
C ASP D 844 28.53 -0.64 -5.40
N PHE D 845 27.39 -1.26 -5.67
CA PHE D 845 26.62 -1.97 -4.66
C PHE D 845 27.47 -3.10 -4.10
N TYR D 846 28.06 -3.85 -5.02
CA TYR D 846 28.93 -4.97 -4.69
C TYR D 846 30.03 -4.49 -3.74
N ASP D 847 30.85 -3.57 -4.22
CA ASP D 847 31.93 -3.02 -3.42
C ASP D 847 31.51 -2.61 -2.02
N GLN D 848 30.21 -2.49 -1.79
CA GLN D 848 29.72 -2.09 -0.48
C GLN D 848 29.63 -3.30 0.48
N PHE D 849 29.00 -4.38 0.01
CA PHE D 849 28.83 -5.55 0.85
C PHE D 849 29.87 -6.67 0.73
N ALA D 850 30.60 -6.71 -0.38
CA ALA D 850 31.61 -7.76 -0.58
C ALA D 850 32.47 -7.93 0.65
N ASP D 851 33.15 -6.85 1.02
CA ASP D 851 34.05 -6.82 2.15
C ASP D 851 33.22 -6.92 3.43
N GLN D 852 32.83 -5.74 3.94
CA GLN D 852 32.04 -5.57 5.16
C GLN D 852 31.01 -6.67 5.42
N LEU D 853 31.55 -7.81 5.84
CA LEU D 853 30.80 -9.03 6.14
C LEU D 853 30.16 -9.62 4.91
N HIS D 854 30.49 -10.88 4.68
CA HIS D 854 30.02 -11.67 3.55
C HIS D 854 31.06 -12.77 3.37
N GLU D 855 32.18 -12.57 4.06
CA GLU D 855 33.33 -13.45 4.05
C GLU D 855 33.16 -14.97 3.92
N SER D 856 34.00 -15.70 4.65
CA SER D 856 34.05 -17.14 4.62
C SER D 856 34.28 -17.46 3.14
N GLN D 857 33.67 -18.52 2.65
CA GLN D 857 33.80 -18.85 1.25
C GLN D 857 32.37 -19.00 0.79
N LEU D 858 31.73 -17.86 0.67
CA LEU D 858 30.34 -17.80 0.25
C LEU D 858 30.39 -17.35 -1.21
N ASP D 859 31.60 -17.35 -1.77
CA ASP D 859 31.82 -16.94 -3.15
C ASP D 859 31.23 -17.79 -4.26
N LYS D 860 29.90 -17.85 -4.23
CA LYS D 860 29.08 -18.53 -5.22
C LYS D 860 28.36 -17.33 -5.85
N MET D 861 28.72 -16.15 -5.35
CA MET D 861 28.17 -14.88 -5.80
C MET D 861 28.47 -14.72 -7.27
N PRO D 862 27.41 -14.65 -8.11
CA PRO D 862 27.58 -14.50 -9.56
C PRO D 862 28.34 -13.23 -9.95
N ALA D 863 28.82 -13.20 -11.19
CA ALA D 863 29.57 -12.03 -11.65
C ALA D 863 28.59 -10.98 -12.14
N LEU D 864 28.97 -9.72 -11.94
CA LEU D 864 28.14 -8.62 -12.38
C LEU D 864 27.72 -8.92 -13.81
N PRO D 865 26.44 -8.70 -14.15
CA PRO D 865 26.02 -8.99 -15.52
C PRO D 865 26.73 -8.05 -16.49
N ALA D 866 26.88 -8.50 -17.72
CA ALA D 866 27.57 -7.71 -18.73
C ALA D 866 26.75 -6.52 -19.19
N LYS D 867 27.45 -5.44 -19.55
CA LYS D 867 26.80 -4.24 -20.04
C LYS D 867 26.51 -4.47 -21.52
N GLY D 868 25.52 -3.76 -22.04
CA GLY D 868 25.16 -3.89 -23.45
C GLY D 868 25.72 -2.79 -24.33
N ASN D 869 25.10 -2.61 -25.49
CA ASN D 869 25.55 -1.61 -26.46
C ASN D 869 24.85 -0.27 -26.43
N LEU D 870 23.85 -0.12 -25.57
CA LEU D 870 23.15 1.15 -25.49
C LEU D 870 24.14 2.30 -25.29
N ASN D 871 24.00 3.36 -26.07
CA ASN D 871 24.86 4.53 -25.90
C ASN D 871 23.97 5.51 -25.15
N LEU D 872 24.28 5.77 -23.90
CA LEU D 872 23.44 6.65 -23.11
C LEU D 872 23.23 8.04 -23.68
N ARG D 873 24.20 8.56 -24.43
CA ARG D 873 24.07 9.89 -25.02
C ARG D 873 22.76 10.00 -25.82
N ASP D 874 22.34 8.89 -26.43
CA ASP D 874 21.12 8.84 -27.22
C ASP D 874 19.88 9.27 -26.45
N ILE D 875 19.85 8.95 -25.16
CA ILE D 875 18.72 9.32 -24.32
C ILE D 875 18.47 10.82 -24.40
N LEU D 876 19.51 11.60 -24.70
CA LEU D 876 19.36 13.06 -24.81
C LEU D 876 18.50 13.46 -26.01
N GLU D 877 18.61 12.70 -27.09
CA GLU D 877 17.84 12.98 -28.28
C GLU D 877 16.52 12.19 -28.28
N SER D 878 16.31 11.39 -27.24
CA SER D 878 15.08 10.62 -27.13
C SER D 878 13.94 11.54 -26.70
N ASP D 879 12.83 11.50 -27.42
CA ASP D 879 11.72 12.36 -27.10
C ASP D 879 10.67 11.74 -26.19
N PHE D 880 10.54 10.41 -26.23
CA PHE D 880 9.50 9.76 -25.44
C PHE D 880 9.90 9.14 -24.11
N ALA D 881 11.15 9.34 -23.73
CA ALA D 881 11.62 8.80 -22.48
C ALA D 881 11.00 9.57 -21.32
N PHE D 882 10.91 10.90 -21.51
CA PHE D 882 10.44 11.87 -20.52
C PHE D 882 11.44 11.76 -19.36
N ALA D 883 11.33 10.71 -18.55
CA ALA D 883 12.28 10.53 -17.46
C ALA D 883 13.61 10.02 -18.01
#